data_4HEM
#
_entry.id   4HEM
#
_cell.length_a   70.980
_cell.length_b   104.250
_cell.length_c   122.180
_cell.angle_alpha   90.00
_cell.angle_beta   90.00
_cell.angle_gamma   90.00
#
_symmetry.space_group_name_H-M   'P 21 21 21'
#
loop_
_entity.id
_entity.type
_entity.pdbx_description
1 polymer BPP
2 polymer 'Anti-baseplate TP901-1 Llama vHH 02'
3 water water
#
loop_
_entity_poly.entity_id
_entity_poly.type
_entity_poly.pdbx_seq_one_letter_code
_entity_poly.pdbx_strand_id
1 'polypeptide(L)'
;MASIKKVYRGMKNGAETINDDLEAINSELTSGGNVVHKTGDETIAGKKTFTGNVEVNGSLTLPTKSWSGELGGGIILSLR
KKGTTVEYSIGGEISSSILANSNLVNRSVPNEFCPRNRCSLVGHMVGGWNAFHIDIPSSGVCQWFGPTASSGTPRGTGTY
PID
;
A,B,C
2 'polypeptide(L)'
;QVQLVESGGGLVQAGGSLRLSCAASESTFSNYAMGWFRQAPGPEREFVATISQTGSHTYYRNSVKGRFTISRDNAKNTVY
LQMNNMKPEDTAVYYCAAGDNYYYTRTYEYDYWGQGTQVTVSS
;
E,F,G
#
# COMPACT_ATOMS: atom_id res chain seq x y z
N ASN A 34 36.86 22.28 16.09
CA ASN A 34 35.59 21.66 16.49
C ASN A 34 34.33 22.37 15.90
N VAL A 35 34.47 23.13 14.80
CA VAL A 35 33.32 23.81 14.18
C VAL A 35 32.94 23.16 12.85
N VAL A 36 31.63 23.20 12.51
CA VAL A 36 31.13 22.64 11.26
C VAL A 36 31.39 23.67 10.20
N HIS A 37 31.94 23.24 9.04
CA HIS A 37 32.21 24.18 7.96
C HIS A 37 31.22 24.08 6.82
N LYS A 38 31.16 25.14 5.98
CA LYS A 38 30.29 25.17 4.79
C LYS A 38 30.86 24.42 3.58
N THR A 39 32.04 23.77 3.77
CA THR A 39 32.67 22.90 2.77
C THR A 39 33.30 21.72 3.53
N GLY A 40 33.66 20.67 2.81
CA GLY A 40 34.42 19.55 3.36
C GLY A 40 33.62 18.42 3.94
N ASP A 41 34.18 17.21 3.79
CA ASP A 41 33.59 16.00 4.36
C ASP A 41 33.89 15.99 5.87
N GLU A 42 32.84 15.96 6.72
CA GLU A 42 33.02 16.12 8.17
C GLU A 42 32.04 15.27 8.94
N THR A 43 32.42 14.93 10.18
CA THR A 43 31.60 14.14 11.09
C THR A 43 31.12 15.09 12.18
N ILE A 44 29.84 15.02 12.50
CA ILE A 44 29.20 15.93 13.44
C ILE A 44 28.55 15.09 14.53
N ALA A 45 29.04 15.20 15.78
CA ALA A 45 28.48 14.44 16.90
C ALA A 45 27.57 15.34 17.71
N GLY A 46 26.73 14.74 18.57
CA GLY A 46 25.80 15.48 19.40
C GLY A 46 24.38 15.46 18.86
N LYS A 47 23.41 15.68 19.73
CA LYS A 47 22.03 15.73 19.30
C LYS A 47 21.81 17.11 18.66
N LYS A 48 21.51 17.13 17.36
CA LYS A 48 21.31 18.39 16.63
C LYS A 48 19.86 18.59 16.32
N THR A 49 19.31 19.72 16.76
CA THR A 49 17.91 20.04 16.52
C THR A 49 17.83 21.23 15.57
N PHE A 50 17.26 21.02 14.38
CA PHE A 50 17.09 22.12 13.42
C PHE A 50 15.68 22.68 13.62
N THR A 51 15.56 23.97 14.00
CA THR A 51 14.21 24.53 14.28
C THR A 51 13.51 25.05 13.02
N GLY A 52 14.26 25.17 11.95
CA GLY A 52 13.77 25.64 10.66
C GLY A 52 13.66 24.55 9.62
N ASN A 53 13.73 24.95 8.36
CA ASN A 53 13.61 24.04 7.22
C ASN A 53 14.98 23.57 6.78
N VAL A 54 15.04 22.31 6.36
CA VAL A 54 16.30 21.70 5.91
C VAL A 54 16.09 21.16 4.52
N GLU A 55 17.07 21.38 3.65
N GLU A 55 17.08 21.37 3.64
CA GLU A 55 17.03 20.84 2.30
CA GLU A 55 17.02 20.84 2.28
C GLU A 55 18.30 20.01 2.10
C GLU A 55 18.30 20.04 2.07
N VAL A 56 18.17 18.86 1.45
CA VAL A 56 19.31 18.00 1.15
C VAL A 56 19.27 17.77 -0.35
N ASN A 57 20.26 18.29 -1.09
CA ASN A 57 20.32 18.16 -2.56
C ASN A 57 20.92 16.85 -3.03
N GLY A 58 21.77 16.23 -2.21
CA GLY A 58 22.37 14.93 -2.49
C GLY A 58 21.50 13.85 -1.89
N SER A 59 22.10 12.73 -1.51
CA SER A 59 21.34 11.67 -0.87
C SER A 59 21.32 11.92 0.64
N LEU A 60 20.29 11.37 1.29
CA LEU A 60 20.11 11.37 2.73
C LEU A 60 20.05 9.90 3.15
N THR A 61 21.09 9.43 3.83
CA THR A 61 21.22 8.04 4.22
C THR A 61 21.04 7.81 5.69
N LEU A 62 20.12 6.88 6.03
CA LEU A 62 19.84 6.48 7.40
C LEU A 62 20.35 5.02 7.61
N PRO A 63 20.56 4.52 8.86
CA PRO A 63 20.99 3.12 9.02
C PRO A 63 19.89 2.18 8.52
N THR A 64 20.30 1.03 8.01
CA THR A 64 19.41 0.07 7.42
C THR A 64 19.73 -1.30 8.00
N LYS A 65 18.70 -2.12 8.10
CA LYS A 65 18.82 -3.49 8.57
C LYS A 65 17.79 -4.31 7.81
N SER A 66 18.15 -5.55 7.50
CA SER A 66 17.24 -6.43 6.77
C SER A 66 17.00 -7.72 7.52
N TRP A 67 15.86 -8.36 7.19
CA TRP A 67 15.51 -9.67 7.73
C TRP A 67 14.54 -10.33 6.76
N SER A 68 14.61 -11.65 6.64
CA SER A 68 13.57 -12.40 5.91
C SER A 68 13.34 -13.74 6.59
N GLY A 69 12.12 -14.21 6.50
CA GLY A 69 11.80 -15.51 7.07
C GLY A 69 10.50 -16.02 6.51
N GLU A 70 10.28 -17.33 6.67
CA GLU A 70 9.03 -17.92 6.26
C GLU A 70 8.09 -17.77 7.46
N LEU A 71 7.08 -16.92 7.32
CA LEU A 71 6.12 -16.71 8.43
C LEU A 71 5.36 -17.99 8.77
N GLY A 72 4.92 -18.70 7.73
CA GLY A 72 4.17 -19.94 7.86
C GLY A 72 3.44 -20.25 6.58
N GLY A 73 3.08 -21.52 6.41
CA GLY A 73 2.32 -21.98 5.26
C GLY A 73 2.97 -21.72 3.92
N GLY A 74 4.29 -21.55 3.93
CA GLY A 74 5.08 -21.29 2.72
C GLY A 74 5.34 -19.80 2.46
N ILE A 75 4.61 -18.92 3.15
CA ILE A 75 4.72 -17.47 2.89
C ILE A 75 5.98 -16.88 3.49
N ILE A 76 6.75 -16.18 2.67
CA ILE A 76 7.96 -15.51 3.13
C ILE A 76 7.69 -14.02 3.23
N LEU A 77 8.27 -13.40 4.24
CA LEU A 77 8.22 -11.94 4.36
C LEU A 77 9.66 -11.44 4.40
N SER A 78 10.00 -10.48 3.53
CA SER A 78 11.32 -9.88 3.49
C SER A 78 11.21 -8.43 3.82
N LEU A 79 12.00 -7.99 4.79
CA LEU A 79 11.92 -6.64 5.35
C LEU A 79 13.22 -5.86 5.29
N ARG A 80 13.12 -4.55 5.09
CA ARG A 80 14.29 -3.68 5.17
C ARG A 80 13.84 -2.46 5.98
N LYS A 81 14.49 -2.22 7.13
CA LYS A 81 14.14 -1.08 8.02
C LYS A 81 15.06 0.07 7.69
N LYS A 82 14.49 1.27 7.53
CA LYS A 82 15.24 2.50 7.24
C LYS A 82 14.55 3.55 8.13
N GLY A 83 15.20 3.92 9.23
CA GLY A 83 14.62 4.85 10.19
C GLY A 83 13.38 4.26 10.84
N THR A 84 12.25 4.97 10.74
CA THR A 84 10.98 4.55 11.34
C THR A 84 10.05 3.88 10.35
N THR A 85 10.55 3.51 9.15
CA THR A 85 9.73 2.88 8.12
C THR A 85 10.35 1.53 7.76
N VAL A 86 9.49 0.52 7.60
CA VAL A 86 9.99 -0.77 7.15
C VAL A 86 9.43 -1.01 5.73
N GLU A 87 10.29 -1.39 4.82
CA GLU A 87 9.90 -1.79 3.47
C GLU A 87 9.69 -3.29 3.50
N TYR A 88 8.55 -3.75 2.95
CA TYR A 88 8.32 -5.17 2.95
C TYR A 88 8.10 -5.70 1.54
N SER A 89 8.34 -7.00 1.36
N SER A 89 8.34 -7.00 1.36
CA SER A 89 8.05 -7.72 0.14
CA SER A 89 8.06 -7.74 0.13
C SER A 89 7.57 -9.11 0.53
C SER A 89 7.54 -9.09 0.56
N ILE A 90 6.46 -9.54 -0.05
CA ILE A 90 5.90 -10.89 0.22
C ILE A 90 6.37 -11.85 -0.87
N GLY A 91 6.82 -13.02 -0.44
CA GLY A 91 7.35 -14.04 -1.35
C GLY A 91 6.88 -15.43 -0.99
N GLY A 92 7.50 -16.41 -1.65
CA GLY A 92 7.15 -17.81 -1.45
C GLY A 92 5.88 -18.24 -2.16
N GLU A 93 5.41 -19.43 -1.85
CA GLU A 93 4.19 -19.98 -2.44
C GLU A 93 3.45 -20.65 -1.28
N ILE A 94 2.12 -20.48 -1.23
CA ILE A 94 1.34 -21.16 -0.20
C ILE A 94 1.47 -22.66 -0.42
N SER A 95 1.97 -23.36 0.60
CA SER A 95 2.25 -24.79 0.44
C SER A 95 1.50 -25.74 1.36
N SER A 96 0.67 -25.20 2.22
CA SER A 96 -0.14 -25.98 3.16
C SER A 96 -1.34 -25.17 3.51
N SER A 97 -2.32 -25.81 4.17
CA SER A 97 -3.55 -25.15 4.58
C SER A 97 -3.29 -24.05 5.59
N ILE A 98 -3.70 -22.83 5.23
CA ILE A 98 -3.60 -21.69 6.13
C ILE A 98 -5.04 -21.33 6.44
N LEU A 99 -5.45 -21.49 7.71
CA LEU A 99 -6.85 -21.20 8.03
C LEU A 99 -7.13 -19.70 8.02
N ALA A 100 -8.36 -19.33 7.72
CA ALA A 100 -8.75 -17.92 7.82
C ALA A 100 -8.51 -17.40 9.26
N ASN A 101 -7.95 -16.17 9.41
CA ASN A 101 -7.67 -15.51 10.70
C ASN A 101 -6.61 -16.17 11.54
N SER A 102 -5.83 -17.08 10.97
CA SER A 102 -4.85 -17.83 11.72
C SER A 102 -3.53 -17.14 11.91
N ASN A 103 -2.86 -17.46 13.01
CA ASN A 103 -1.51 -17.02 13.27
C ASN A 103 -0.57 -17.82 12.39
N LEU A 104 0.47 -17.12 11.91
CA LEU A 104 1.55 -17.72 11.10
C LEU A 104 2.65 -17.99 12.10
N VAL A 105 2.89 -19.29 12.41
CA VAL A 105 3.75 -19.64 13.55
C VAL A 105 5.14 -20.18 13.24
N ASN A 106 5.56 -20.22 11.97
CA ASN A 106 6.90 -20.71 11.66
C ASN A 106 7.97 -19.71 12.12
N ARG A 107 7.77 -18.40 11.81
CA ARG A 107 8.66 -17.34 12.25
C ARG A 107 7.86 -16.12 12.56
N SER A 108 8.22 -15.45 13.65
CA SER A 108 7.64 -14.16 14.00
C SER A 108 8.58 -13.09 13.44
N VAL A 109 8.05 -11.91 13.20
CA VAL A 109 8.89 -10.79 12.81
C VAL A 109 9.73 -10.40 14.05
N PRO A 110 11.07 -10.24 13.91
CA PRO A 110 11.87 -9.87 15.08
C PRO A 110 11.46 -8.54 15.67
N ASN A 111 11.64 -8.39 16.99
CA ASN A 111 11.24 -7.19 17.69
C ASN A 111 11.67 -5.87 17.04
N GLU A 112 12.90 -5.80 16.50
CA GLU A 112 13.36 -4.52 15.94
C GLU A 112 12.61 -4.08 14.67
N PHE A 113 11.88 -5.03 14.04
CA PHE A 113 11.07 -4.74 12.84
C PHE A 113 9.58 -4.65 13.18
N CYS A 114 9.20 -4.87 14.45
CA CYS A 114 7.79 -4.87 14.83
C CYS A 114 7.26 -3.46 14.95
N PRO A 115 6.00 -3.27 14.52
CA PRO A 115 5.37 -1.93 14.63
C PRO A 115 4.82 -1.67 16.03
N ARG A 116 4.54 -0.41 16.35
CA ARG A 116 3.92 -0.02 17.64
C ARG A 116 2.43 -0.29 17.48
N ASN A 117 1.90 -0.01 16.28
CA ASN A 117 0.50 -0.23 15.98
C ASN A 117 0.35 -1.27 14.90
N ARG A 118 -0.66 -2.11 15.04
CA ARG A 118 -0.97 -3.17 14.10
C ARG A 118 -1.03 -2.61 12.65
N CYS A 119 -0.41 -3.35 11.71
N CYS A 119 -0.36 -3.29 11.71
CA CYS A 119 -0.42 -2.96 10.30
CA CYS A 119 -0.42 -2.89 10.31
C CYS A 119 -1.06 -4.05 9.50
C CYS A 119 -1.10 -4.00 9.55
N SER A 120 -1.76 -3.67 8.44
CA SER A 120 -2.49 -4.60 7.58
C SER A 120 -1.95 -4.48 6.18
N LEU A 121 -1.16 -5.47 5.76
CA LEU A 121 -0.47 -5.43 4.47
C LEU A 121 -1.27 -6.17 3.45
N VAL A 122 -1.77 -5.42 2.46
CA VAL A 122 -2.64 -5.99 1.44
C VAL A 122 -1.81 -6.54 0.29
N GLY A 123 -2.03 -7.82 -0.01
CA GLY A 123 -1.30 -8.51 -1.09
C GLY A 123 -2.24 -9.07 -2.14
N HIS A 124 -1.67 -9.63 -3.18
CA HIS A 124 -2.47 -10.18 -4.27
C HIS A 124 -1.90 -11.52 -4.68
N MET A 125 -2.82 -12.41 -5.09
CA MET A 125 -2.45 -13.76 -5.54
C MET A 125 -2.27 -13.71 -7.07
N VAL A 126 -1.10 -14.12 -7.56
CA VAL A 126 -0.81 -14.17 -9.00
C VAL A 126 -1.89 -14.90 -9.80
N GLY A 127 -2.25 -14.35 -10.94
CA GLY A 127 -3.08 -15.06 -11.89
C GLY A 127 -4.57 -14.93 -11.85
N GLY A 128 -5.07 -14.18 -10.88
CA GLY A 128 -6.50 -13.99 -10.71
C GLY A 128 -6.77 -12.65 -10.07
N TRP A 129 -7.97 -12.50 -9.52
CA TRP A 129 -8.38 -11.22 -8.92
C TRP A 129 -8.34 -11.22 -7.38
N ASN A 130 -7.71 -12.22 -6.77
CA ASN A 130 -7.78 -12.41 -5.32
C ASN A 130 -6.79 -11.62 -4.53
N ALA A 131 -7.31 -10.94 -3.50
CA ALA A 131 -6.48 -10.17 -2.57
C ALA A 131 -6.58 -10.79 -1.16
N PHE A 132 -5.56 -10.55 -0.35
CA PHE A 132 -5.57 -10.94 1.05
C PHE A 132 -4.90 -9.83 1.82
N HIS A 133 -4.84 -9.96 3.14
CA HIS A 133 -3.98 -9.10 3.91
C HIS A 133 -3.39 -9.91 5.03
N ILE A 134 -2.20 -9.51 5.44
CA ILE A 134 -1.51 -10.11 6.58
C ILE A 134 -1.36 -8.99 7.60
N ASP A 135 -1.76 -9.26 8.86
CA ASP A 135 -1.51 -8.28 9.90
C ASP A 135 -0.19 -8.57 10.57
N ILE A 136 0.52 -7.49 10.92
CA ILE A 136 1.70 -7.60 11.74
C ILE A 136 1.38 -6.83 13.03
N PRO A 137 1.19 -7.53 14.14
CA PRO A 137 0.97 -6.84 15.41
C PRO A 137 2.32 -6.51 16.07
N SER A 138 2.31 -5.81 17.22
CA SER A 138 3.54 -5.46 17.92
C SER A 138 4.31 -6.70 18.40
N SER A 139 3.64 -7.84 18.60
CA SER A 139 4.30 -9.11 18.99
C SER A 139 5.12 -9.69 17.84
N GLY A 140 4.79 -9.33 16.61
CA GLY A 140 5.45 -9.92 15.44
C GLY A 140 4.87 -11.26 14.99
N VAL A 141 3.79 -11.74 15.66
CA VAL A 141 3.16 -13.01 15.28
C VAL A 141 2.14 -12.61 14.22
N CYS A 142 2.52 -12.77 12.94
CA CYS A 142 1.68 -12.36 11.81
C CYS A 142 0.43 -13.20 11.69
N GLN A 143 -0.64 -12.60 11.14
CA GLN A 143 -1.93 -13.27 11.06
C GLN A 143 -2.49 -13.15 9.66
N TRP A 144 -3.02 -14.24 9.14
CA TRP A 144 -3.53 -14.31 7.76
C TRP A 144 -5.01 -13.95 7.72
N PHE A 145 -5.37 -12.98 6.87
CA PHE A 145 -6.76 -12.55 6.75
C PHE A 145 -7.44 -12.81 5.43
N GLY A 146 -6.86 -13.70 4.65
CA GLY A 146 -7.58 -14.20 3.49
C GLY A 146 -8.51 -15.28 4.03
N PRO A 147 -9.25 -15.97 3.12
CA PRO A 147 -10.04 -17.14 3.56
C PRO A 147 -9.08 -18.32 3.75
N THR A 148 -9.59 -19.49 4.17
CA THR A 148 -8.74 -20.67 4.28
C THR A 148 -8.20 -20.95 2.87
N ALA A 149 -6.87 -21.11 2.75
CA ALA A 149 -6.21 -21.27 1.45
C ALA A 149 -5.11 -22.28 1.55
N SER A 150 -4.80 -22.99 0.46
CA SER A 150 -3.76 -24.00 0.50
C SER A 150 -2.86 -23.98 -0.74
N SER A 151 -3.01 -22.96 -1.61
CA SER A 151 -2.19 -22.87 -2.82
C SER A 151 -2.14 -21.45 -3.33
N GLY A 152 -1.26 -21.21 -4.30
CA GLY A 152 -1.17 -19.89 -4.90
C GLY A 152 0.10 -19.14 -4.57
N THR A 153 0.36 -18.08 -5.32
CA THR A 153 1.59 -17.30 -5.20
C THR A 153 1.23 -15.89 -4.67
N PRO A 154 1.54 -15.59 -3.39
CA PRO A 154 1.20 -14.28 -2.82
C PRO A 154 2.31 -13.27 -3.05
N ARG A 155 1.95 -12.07 -3.48
CA ARG A 155 2.94 -11.01 -3.73
C ARG A 155 2.45 -9.65 -3.24
N GLY A 156 3.39 -8.72 -3.07
CA GLY A 156 3.06 -7.37 -2.69
C GLY A 156 4.20 -6.71 -1.98
N THR A 157 4.48 -5.46 -2.38
N THR A 157 4.50 -5.46 -2.38
CA THR A 157 5.57 -4.64 -1.86
CA THR A 157 5.57 -4.69 -1.77
C THR A 157 4.99 -3.34 -1.30
C THR A 157 5.00 -3.37 -1.28
N GLY A 158 5.49 -2.90 -0.16
CA GLY A 158 5.04 -1.63 0.41
C GLY A 158 5.84 -1.25 1.62
N THR A 159 5.21 -0.45 2.49
CA THR A 159 5.86 -0.06 3.73
C THR A 159 4.90 -0.14 4.90
N TYR A 160 5.46 -0.11 6.09
CA TYR A 160 4.67 0.04 7.31
C TYR A 160 5.52 0.79 8.31
N PRO A 161 4.89 1.55 9.22
CA PRO A 161 5.68 2.33 10.19
C PRO A 161 6.01 1.58 11.46
N ILE A 162 7.13 1.94 12.06
CA ILE A 162 7.50 1.43 13.39
C ILE A 162 7.59 2.70 14.24
N ASP A 163 6.80 2.76 15.31
CA ASP A 163 6.61 4.00 16.09
C ASP A 163 7.00 3.98 17.56
N ASN B 34 33.35 30.64 6.35
CA ASN B 34 33.15 29.26 5.91
C ASN B 34 32.64 28.37 7.05
N VAL B 35 31.97 28.96 8.05
CA VAL B 35 31.48 28.21 9.20
C VAL B 35 29.94 28.22 9.21
N VAL B 36 29.31 27.13 9.67
CA VAL B 36 27.85 27.06 9.80
C VAL B 36 27.45 27.72 11.12
N HIS B 37 26.38 28.55 11.07
CA HIS B 37 25.92 29.26 12.26
C HIS B 37 24.61 28.73 12.77
N LYS B 38 24.32 29.04 14.06
CA LYS B 38 23.07 28.64 14.73
C LYS B 38 21.85 29.48 14.36
N THR B 39 22.05 30.48 13.47
CA THR B 39 20.99 31.30 12.91
C THR B 39 21.31 31.51 11.44
N GLY B 40 20.32 32.00 10.71
CA GLY B 40 20.49 32.40 9.32
C GLY B 40 20.35 31.32 8.28
N ASP B 41 20.03 31.74 7.05
CA ASP B 41 19.90 30.81 5.94
C ASP B 41 21.28 30.60 5.34
N GLU B 42 21.71 29.33 5.23
CA GLU B 42 23.06 29.01 4.75
C GLU B 42 23.07 27.80 3.86
N THR B 43 24.04 27.79 2.93
CA THR B 43 24.27 26.66 2.03
C THR B 43 25.53 25.95 2.54
N ILE B 44 25.47 24.63 2.62
CA ILE B 44 26.52 23.81 3.21
C ILE B 44 26.92 22.70 2.24
N ALA B 45 28.19 22.71 1.78
CA ALA B 45 28.72 21.69 0.88
C ALA B 45 29.52 20.67 1.68
N GLY B 46 29.78 19.52 1.05
CA GLY B 46 30.56 18.44 1.61
C GLY B 46 29.70 17.35 2.18
N LYS B 47 30.26 16.12 2.27
CA LYS B 47 29.50 15.02 2.84
C LYS B 47 29.47 15.20 4.38
N LYS B 48 28.30 15.45 4.95
CA LYS B 48 28.19 15.64 6.40
C LYS B 48 27.59 14.39 7.05
N THR B 49 28.30 13.80 8.01
CA THR B 49 27.83 12.60 8.69
C THR B 49 27.48 13.00 10.12
N PHE B 50 26.22 12.82 10.49
CA PHE B 50 25.78 13.10 11.87
C PHE B 50 25.79 11.77 12.62
N THR B 51 26.60 11.67 13.68
CA THR B 51 26.72 10.40 14.40
C THR B 51 25.65 10.24 15.47
N GLY B 52 25.01 11.36 15.83
CA GLY B 52 23.94 11.38 16.84
C GLY B 52 22.55 11.40 16.24
N ASN B 53 21.56 11.77 17.08
CA ASN B 53 20.17 11.90 16.65
C ASN B 53 19.97 13.31 16.12
N VAL B 54 19.15 13.42 15.07
CA VAL B 54 18.85 14.72 14.46
C VAL B 54 17.34 14.93 14.52
N GLU B 55 16.93 16.15 14.86
CA GLU B 55 15.52 16.52 14.83
C GLU B 55 15.36 17.67 13.84
N VAL B 56 14.34 17.61 12.99
CA VAL B 56 14.05 18.71 12.04
C VAL B 56 12.62 19.14 12.36
N ASN B 57 12.45 20.36 12.89
CA ASN B 57 11.12 20.88 13.29
C ASN B 57 10.32 21.44 12.14
N GLY B 58 11.01 21.90 11.09
CA GLY B 58 10.37 22.40 9.88
C GLY B 58 10.23 21.29 8.87
N SER B 59 10.27 21.66 7.59
CA SER B 59 10.18 20.71 6.50
C SER B 59 11.59 20.16 6.19
N LEU B 60 11.63 18.97 5.60
CA LEU B 60 12.86 18.34 5.17
C LEU B 60 12.64 18.03 3.68
N THR B 61 13.34 18.76 2.78
CA THR B 61 13.12 18.60 1.34
C THR B 61 14.26 17.88 0.67
N LEU B 62 13.91 16.82 -0.07
CA LEU B 62 14.83 15.98 -0.80
C LEU B 62 14.64 16.20 -2.31
N PRO B 63 15.62 15.78 -3.16
CA PRO B 63 15.44 15.98 -4.61
C PRO B 63 14.19 15.25 -5.12
N THR B 64 13.49 15.86 -6.08
CA THR B 64 12.27 15.24 -6.62
C THR B 64 12.23 15.27 -8.13
N LYS B 65 11.66 14.22 -8.74
CA LYS B 65 11.45 14.18 -10.18
C LYS B 65 10.17 13.37 -10.42
N SER B 66 9.39 13.78 -11.42
CA SER B 66 8.13 13.12 -11.74
C SER B 66 8.16 12.55 -13.15
N TRP B 67 7.29 11.55 -13.39
CA TRP B 67 7.14 10.90 -14.69
C TRP B 67 5.81 10.21 -14.71
N SER B 68 5.17 10.19 -15.86
CA SER B 68 3.98 9.37 -16.03
C SER B 68 3.94 8.92 -17.47
N GLY B 69 3.36 7.76 -17.67
CA GLY B 69 3.25 7.22 -19.02
C GLY B 69 2.32 6.05 -19.08
N GLU B 70 1.92 5.70 -20.31
CA GLU B 70 1.04 4.55 -20.50
C GLU B 70 1.93 3.32 -20.67
N LEU B 71 1.94 2.43 -19.65
CA LEU B 71 2.77 1.23 -19.70
C LEU B 71 2.35 0.34 -20.87
N GLY B 72 1.05 0.21 -21.08
CA GLY B 72 0.48 -0.64 -22.12
C GLY B 72 -0.93 -1.06 -21.81
N GLY B 73 -1.68 -1.38 -22.86
CA GLY B 73 -3.06 -1.82 -22.72
C GLY B 73 -4.00 -0.80 -22.11
N GLY B 74 -3.61 0.48 -22.12
CA GLY B 74 -4.41 1.56 -21.56
C GLY B 74 -4.00 1.97 -20.15
N ILE B 75 -3.16 1.14 -19.49
CA ILE B 75 -2.76 1.40 -18.09
C ILE B 75 -1.74 2.51 -18.00
N ILE B 76 -1.99 3.49 -17.11
CA ILE B 76 -1.08 4.59 -16.85
C ILE B 76 -0.41 4.38 -15.51
N LEU B 77 0.89 4.70 -15.43
CA LEU B 77 1.59 4.68 -14.16
C LEU B 77 2.13 6.10 -13.95
N SER B 78 1.84 6.70 -12.79
CA SER B 78 2.31 8.07 -12.48
C SER B 78 3.24 7.97 -11.31
N LEU B 79 4.48 8.48 -11.47
CA LEU B 79 5.50 8.35 -10.44
C LEU B 79 6.10 9.65 -10.01
N ARG B 80 6.53 9.68 -8.75
CA ARG B 80 7.32 10.79 -8.25
C ARG B 80 8.36 10.24 -7.32
N LYS B 81 9.64 10.48 -7.64
CA LYS B 81 10.70 10.02 -6.76
C LYS B 81 11.04 11.14 -5.79
N LYS B 82 11.25 10.78 -4.52
CA LYS B 82 11.71 11.71 -3.48
C LYS B 82 12.73 10.93 -2.71
N GLY B 83 14.01 11.29 -2.85
CA GLY B 83 15.09 10.54 -2.20
C GLY B 83 15.14 9.11 -2.74
N THR B 84 15.07 8.10 -1.84
CA THR B 84 15.13 6.68 -2.23
C THR B 84 13.77 6.00 -2.27
N THR B 85 12.70 6.81 -2.36
CA THR B 85 11.35 6.24 -2.44
C THR B 85 10.68 6.77 -3.69
N VAL B 86 9.91 5.93 -4.36
CA VAL B 86 9.10 6.37 -5.48
C VAL B 86 7.62 6.24 -5.08
N GLU B 87 6.89 7.31 -5.18
CA GLU B 87 5.44 7.37 -4.94
C GLU B 87 4.77 7.03 -6.27
N TYR B 88 3.84 6.07 -6.27
CA TYR B 88 3.16 5.73 -7.52
C TYR B 88 1.65 5.84 -7.36
N SER B 89 0.98 6.05 -8.49
CA SER B 89 -0.47 5.92 -8.60
C SER B 89 -0.76 5.28 -9.92
N ILE B 90 -1.70 4.34 -9.93
CA ILE B 90 -2.08 3.65 -11.14
C ILE B 90 -3.34 4.28 -11.71
N GLY B 91 -3.36 4.45 -13.02
CA GLY B 91 -4.50 5.06 -13.70
C GLY B 91 -4.84 4.46 -15.04
N GLY B 92 -5.65 5.19 -15.79
CA GLY B 92 -6.13 4.77 -17.09
C GLY B 92 -7.27 3.77 -17.06
N GLU B 93 -7.52 3.15 -18.20
CA GLU B 93 -8.60 2.18 -18.38
C GLU B 93 -8.04 1.09 -19.27
N ILE B 94 -8.23 -0.19 -18.86
CA ILE B 94 -7.77 -1.30 -19.71
C ILE B 94 -8.61 -1.25 -20.97
N SER B 95 -7.96 -1.17 -22.12
CA SER B 95 -8.68 -0.99 -23.38
C SER B 95 -8.27 -1.91 -24.53
N SER B 96 -7.46 -2.90 -24.22
CA SER B 96 -7.11 -3.95 -25.16
C SER B 96 -6.78 -5.17 -24.31
N SER B 97 -6.64 -6.33 -24.94
CA SER B 97 -6.37 -7.56 -24.22
C SER B 97 -4.97 -7.54 -23.63
N ILE B 98 -4.90 -7.72 -22.29
CA ILE B 98 -3.66 -7.80 -21.55
C ILE B 98 -3.60 -9.22 -21.00
N LEU B 99 -2.67 -10.02 -21.52
CA LEU B 99 -2.56 -11.41 -21.11
C LEU B 99 -2.02 -11.53 -19.71
N ALA B 100 -2.45 -12.58 -18.97
CA ALA B 100 -1.91 -12.85 -17.63
C ALA B 100 -0.37 -13.01 -17.77
N ASN B 101 0.42 -12.40 -16.81
CA ASN B 101 1.88 -12.45 -16.73
C ASN B 101 2.63 -11.73 -17.84
N SER B 102 1.92 -10.95 -18.66
CA SER B 102 2.50 -10.31 -19.83
C SER B 102 3.27 -9.03 -19.58
N ASN B 103 4.23 -8.77 -20.45
CA ASN B 103 4.98 -7.52 -20.41
C ASN B 103 4.13 -6.42 -20.98
N LEU B 104 4.20 -5.24 -20.34
CA LEU B 104 3.53 -4.01 -20.79
C LEU B 104 4.62 -3.29 -21.57
N VAL B 105 4.46 -3.27 -22.91
CA VAL B 105 5.53 -2.85 -23.82
C VAL B 105 5.40 -1.49 -24.47
N ASN B 106 4.36 -0.72 -24.11
CA ASN B 106 4.21 0.61 -24.68
C ASN B 106 5.25 1.56 -24.09
N ARG B 107 5.41 1.59 -22.72
CA ARG B 107 6.41 2.45 -22.09
C ARG B 107 7.00 1.70 -20.92
N SER B 108 8.31 1.78 -20.77
CA SER B 108 9.01 1.26 -19.58
C SER B 108 9.11 2.37 -18.55
N VAL B 109 9.30 1.97 -17.29
CA VAL B 109 9.58 2.93 -16.26
C VAL B 109 11.04 3.38 -16.56
N PRO B 110 11.28 4.71 -16.66
CA PRO B 110 12.65 5.17 -16.93
C PRO B 110 13.65 4.72 -15.87
N ASN B 111 14.91 4.49 -16.31
CA ASN B 111 15.98 3.97 -15.45
C ASN B 111 16.10 4.66 -14.10
N GLU B 112 15.94 5.98 -14.06
CA GLU B 112 16.10 6.72 -12.82
C GLU B 112 15.00 6.46 -11.80
N PHE B 113 13.92 5.80 -12.24
CA PHE B 113 12.80 5.42 -11.35
C PHE B 113 12.77 3.92 -11.09
N CYS B 114 13.71 3.17 -11.70
CA CYS B 114 13.69 1.71 -11.56
C CYS B 114 14.20 1.25 -10.21
N PRO B 115 13.54 0.21 -9.64
CA PRO B 115 14.00 -0.36 -8.37
C PRO B 115 15.23 -1.26 -8.58
N ARG B 116 15.90 -1.63 -7.50
CA ARG B 116 17.09 -2.50 -7.49
C ARG B 116 16.60 -3.94 -7.71
N ASN B 117 15.46 -4.27 -7.13
CA ASN B 117 14.85 -5.54 -7.39
C ASN B 117 13.37 -5.43 -7.55
N ARG B 118 12.76 -6.50 -7.98
CA ARG B 118 11.37 -6.54 -8.37
C ARG B 118 10.45 -6.03 -7.28
N CYS B 119 9.49 -5.16 -7.67
CA CYS B 119 8.46 -4.64 -6.76
C CYS B 119 7.11 -5.01 -7.27
N SER B 120 6.17 -5.38 -6.38
CA SER B 120 4.82 -5.80 -6.79
C SER B 120 3.83 -4.75 -6.27
N LEU B 121 3.23 -3.99 -7.18
CA LEU B 121 2.33 -2.90 -6.80
C LEU B 121 0.90 -3.38 -6.86
N VAL B 122 0.28 -3.51 -5.71
CA VAL B 122 -1.07 -4.05 -5.58
C VAL B 122 -2.10 -2.97 -5.84
N GLY B 123 -3.03 -3.25 -6.72
CA GLY B 123 -4.09 -2.31 -7.03
C GLY B 123 -5.46 -2.94 -6.98
N HIS B 124 -6.48 -2.12 -7.24
CA HIS B 124 -7.86 -2.57 -7.17
C HIS B 124 -8.61 -2.05 -8.40
N MET B 125 -9.56 -2.86 -8.91
CA MET B 125 -10.36 -2.49 -10.08
C MET B 125 -11.67 -1.82 -9.61
N VAL B 126 -11.98 -0.62 -10.11
CA VAL B 126 -13.18 0.10 -9.72
C VAL B 126 -14.45 -0.74 -9.89
N GLY B 127 -15.37 -0.62 -8.92
CA GLY B 127 -16.71 -1.18 -9.08
C GLY B 127 -17.00 -2.59 -8.62
N GLY B 128 -15.97 -3.27 -8.16
CA GLY B 128 -16.13 -4.64 -7.68
C GLY B 128 -15.11 -4.94 -6.62
N TRP B 129 -14.86 -6.24 -6.40
CA TRP B 129 -13.91 -6.63 -5.34
C TRP B 129 -12.55 -7.09 -5.91
N ASN B 130 -12.34 -6.91 -7.21
CA ASN B 130 -11.16 -7.46 -7.86
C ASN B 130 -9.88 -6.70 -7.58
N ALA B 131 -8.81 -7.46 -7.32
CA ALA B 131 -7.47 -6.90 -7.14
C ALA B 131 -6.50 -7.45 -8.18
N PHE B 132 -5.42 -6.72 -8.40
CA PHE B 132 -4.37 -7.17 -9.31
C PHE B 132 -3.06 -6.69 -8.74
N HIS B 133 -1.97 -7.05 -9.41
CA HIS B 133 -0.72 -6.37 -9.12
C HIS B 133 0.06 -6.23 -10.41
N ILE B 134 0.93 -5.23 -10.45
CA ILE B 134 1.83 -5.00 -11.59
C ILE B 134 3.22 -5.09 -11.02
N ASP B 135 4.12 -5.86 -11.66
CA ASP B 135 5.49 -5.89 -11.17
C ASP B 135 6.32 -4.88 -11.93
N ILE B 136 7.23 -4.22 -11.21
CA ILE B 136 8.22 -3.37 -11.84
C ILE B 136 9.55 -4.08 -11.58
N PRO B 137 10.17 -4.69 -12.60
CA PRO B 137 11.50 -5.29 -12.38
C PRO B 137 12.58 -4.20 -12.53
N SER B 138 13.85 -4.55 -12.29
CA SER B 138 14.94 -3.56 -12.39
C SER B 138 15.06 -2.94 -13.81
N SER B 139 14.61 -3.65 -14.85
CA SER B 139 14.67 -3.15 -16.23
C SER B 139 13.61 -2.08 -16.54
N GLY B 140 12.56 -2.01 -15.72
CA GLY B 140 11.47 -1.08 -15.95
C GLY B 140 10.42 -1.58 -16.93
N VAL B 141 10.59 -2.80 -17.48
CA VAL B 141 9.55 -3.39 -18.34
C VAL B 141 8.53 -4.07 -17.39
N CYS B 142 7.44 -3.37 -17.09
CA CYS B 142 6.41 -3.83 -16.17
C CYS B 142 5.62 -5.00 -16.66
N GLN B 143 5.09 -5.78 -15.72
CA GLN B 143 4.34 -6.98 -16.08
C GLN B 143 3.03 -7.00 -15.35
N TRP B 144 1.98 -7.49 -16.03
CA TRP B 144 0.63 -7.59 -15.49
C TRP B 144 0.39 -8.94 -14.82
N PHE B 145 -0.05 -8.93 -13.53
CA PHE B 145 -0.31 -10.15 -12.79
C PHE B 145 -1.72 -10.41 -12.38
N GLY B 146 -2.66 -9.70 -13.01
CA GLY B 146 -4.06 -10.06 -12.89
C GLY B 146 -4.24 -11.21 -13.88
N PRO B 147 -5.48 -11.68 -14.06
CA PRO B 147 -5.71 -12.68 -15.10
C PRO B 147 -5.76 -11.95 -16.44
N THR B 148 -5.92 -12.70 -17.55
CA THR B 148 -6.13 -12.05 -18.83
C THR B 148 -7.36 -11.16 -18.71
N ALA B 149 -7.24 -9.89 -19.13
CA ALA B 149 -8.31 -8.91 -19.00
C ALA B 149 -8.28 -7.97 -20.20
N SER B 150 -9.44 -7.46 -20.59
CA SER B 150 -9.58 -6.55 -21.74
C SER B 150 -10.44 -5.32 -21.39
N SER B 151 -10.80 -5.15 -20.11
CA SER B 151 -11.61 -4.02 -19.66
C SER B 151 -11.40 -3.80 -18.19
N GLY B 152 -11.92 -2.68 -17.69
CA GLY B 152 -11.83 -2.34 -16.28
C GLY B 152 -10.94 -1.16 -16.02
N THR B 153 -11.03 -0.64 -14.79
CA THR B 153 -10.40 0.60 -14.37
C THR B 153 -9.44 0.35 -13.19
N PRO B 154 -8.12 0.19 -13.46
CA PRO B 154 -7.18 -0.14 -12.38
C PRO B 154 -6.73 1.10 -11.60
N ARG B 155 -6.64 0.96 -10.27
CA ARG B 155 -6.26 2.07 -9.39
C ARG B 155 -5.40 1.59 -8.24
N GLY B 156 -4.65 2.50 -7.64
CA GLY B 156 -3.87 2.15 -6.46
C GLY B 156 -2.70 3.08 -6.25
N THR B 157 -2.52 3.55 -5.02
CA THR B 157 -1.45 4.49 -4.66
C THR B 157 -0.57 3.87 -3.58
N GLY B 158 0.73 3.98 -3.76
CA GLY B 158 1.65 3.46 -2.74
C GLY B 158 3.06 3.93 -3.04
N THR B 159 4.03 3.17 -2.51
CA THR B 159 5.43 3.49 -2.76
C THR B 159 6.22 2.23 -3.03
N TYR B 160 7.38 2.41 -3.65
CA TYR B 160 8.37 1.34 -3.77
C TYR B 160 9.75 1.95 -3.63
N PRO B 161 10.75 1.15 -3.24
CA PRO B 161 12.09 1.70 -3.01
C PRO B 161 12.98 1.70 -4.23
N ILE B 162 13.92 2.66 -4.23
CA ILE B 162 14.96 2.74 -5.24
C ILE B 162 16.32 2.95 -4.56
N ASP B 163 17.42 2.68 -5.27
CA ASP B 163 18.76 2.94 -4.71
C ASP B 163 19.15 4.42 -4.79
N GLY C 33 28.73 30.42 21.45
CA GLY C 33 28.32 31.64 20.74
C GLY C 33 27.24 31.29 19.71
N ASN C 34 27.51 31.60 18.42
CA ASN C 34 26.57 31.34 17.35
C ASN C 34 27.07 30.37 16.27
N VAL C 35 28.14 29.58 16.50
CA VAL C 35 28.59 28.62 15.47
C VAL C 35 28.14 27.21 15.85
N VAL C 36 27.92 26.35 14.84
CA VAL C 36 27.57 24.94 15.06
C VAL C 36 28.85 24.16 15.29
N HIS C 37 28.87 23.31 16.33
CA HIS C 37 30.06 22.51 16.65
C HIS C 37 29.96 21.06 16.22
N LYS C 38 31.11 20.41 16.11
CA LYS C 38 31.19 18.99 15.75
C LYS C 38 30.94 18.06 16.94
N THR C 39 30.64 18.64 18.12
CA THR C 39 30.24 17.89 19.32
C THR C 39 29.15 18.71 20.01
N GLY C 40 28.45 18.06 20.94
CA GLY C 40 27.49 18.75 21.79
C GLY C 40 26.07 18.80 21.28
N ASP C 41 25.15 18.82 22.23
CA ASP C 41 23.73 18.95 21.94
C ASP C 41 23.43 20.43 21.66
N GLU C 42 22.91 20.71 20.45
CA GLU C 42 22.71 22.10 20.00
C GLU C 42 21.47 22.29 19.21
N THR C 43 21.00 23.56 19.15
CA THR C 43 19.84 23.99 18.39
C THR C 43 20.33 24.90 17.29
N ILE C 44 19.81 24.65 16.08
CA ILE C 44 20.22 25.33 14.87
C ILE C 44 19.03 25.92 14.18
N ALA C 45 18.98 27.25 14.12
CA ALA C 45 17.89 27.95 13.43
C ALA C 45 18.34 28.35 12.06
N GLY C 46 17.36 28.65 11.20
CA GLY C 46 17.58 29.09 9.83
C GLY C 46 17.41 27.99 8.83
N LYS C 47 17.20 28.36 7.56
CA LYS C 47 17.07 27.37 6.49
C LYS C 47 18.47 26.86 6.14
N LYS C 48 18.73 25.57 6.35
CA LYS C 48 20.05 25.01 6.03
C LYS C 48 19.93 24.12 4.83
N THR C 49 20.70 24.44 3.77
CA THR C 49 20.64 23.67 2.54
C THR C 49 21.94 22.91 2.41
N PHE C 50 21.86 21.57 2.37
CA PHE C 50 23.05 20.74 2.22
C PHE C 50 23.17 20.37 0.75
N THR C 51 24.22 20.87 0.08
CA THR C 51 24.35 20.61 -1.37
C THR C 51 24.93 19.24 -1.69
N GLY C 52 25.56 18.60 -0.69
CA GLY C 52 26.16 17.29 -0.85
C GLY C 52 25.33 16.18 -0.24
N ASN C 53 25.98 15.07 0.10
CA ASN C 53 25.31 13.94 0.72
C ASN C 53 25.32 14.09 2.22
N VAL C 54 24.25 13.64 2.84
CA VAL C 54 24.11 13.68 4.30
C VAL C 54 23.87 12.28 4.80
N GLU C 55 24.53 11.91 5.90
CA GLU C 55 24.30 10.63 6.52
C GLU C 55 23.91 10.91 7.98
N VAL C 56 22.88 10.22 8.49
CA VAL C 56 22.44 10.33 9.88
C VAL C 56 22.55 8.92 10.48
N ASN C 57 23.40 8.75 11.50
CA ASN C 57 23.62 7.42 12.12
C ASN C 57 22.63 7.11 13.21
N GLY C 58 22.07 8.16 13.81
CA GLY C 58 21.03 8.00 14.83
C GLY C 58 19.66 8.07 14.18
N SER C 59 18.68 8.52 14.95
CA SER C 59 17.33 8.70 14.43
C SER C 59 17.24 10.08 13.78
N LEU C 60 16.26 10.24 12.87
CA LEU C 60 15.97 11.50 12.21
C LEU C 60 14.50 11.73 12.48
N THR C 61 14.16 12.71 13.33
CA THR C 61 12.76 12.87 13.72
C THR C 61 12.15 14.15 13.18
N LEU C 62 10.96 14.00 12.56
CA LEU C 62 10.17 15.12 12.05
C LEU C 62 8.88 15.12 12.90
N PRO C 63 8.21 16.29 13.05
CA PRO C 63 6.96 16.31 13.84
C PRO C 63 5.86 15.53 13.14
N THR C 64 4.93 15.03 13.93
CA THR C 64 3.82 14.24 13.42
C THR C 64 2.52 14.93 13.87
N LYS C 65 1.46 14.78 13.07
CA LYS C 65 0.11 15.22 13.40
C LYS C 65 -0.82 14.09 13.03
N SER C 66 -1.89 13.92 13.81
CA SER C 66 -2.83 12.85 13.52
C SER C 66 -4.27 13.32 13.45
N TRP C 67 -5.10 12.54 12.76
CA TRP C 67 -6.52 12.79 12.66
C TRP C 67 -7.23 11.45 12.42
N SER C 68 -8.43 11.30 12.96
CA SER C 68 -9.25 10.15 12.59
C SER C 68 -10.69 10.53 12.59
N GLY C 69 -11.45 9.86 11.77
CA GLY C 69 -12.90 10.11 11.74
C GLY C 69 -13.61 9.01 10.98
N GLU C 70 -14.91 8.92 11.24
CA GLU C 70 -15.75 7.97 10.51
C GLU C 70 -16.13 8.64 9.20
N LEU C 71 -15.57 8.17 8.10
CA LEU C 71 -15.88 8.76 6.78
C LEU C 71 -17.35 8.60 6.42
N GLY C 72 -17.91 7.42 6.68
CA GLY C 72 -19.29 7.11 6.34
C GLY C 72 -19.50 5.61 6.34
N GLY C 73 -20.75 5.20 6.57
CA GLY C 73 -21.12 3.78 6.52
C GLY C 73 -20.43 2.88 7.53
N GLY C 74 -19.87 3.46 8.60
CA GLY C 74 -19.17 2.70 9.64
C GLY C 74 -17.65 2.68 9.45
N ILE C 75 -17.16 3.13 8.28
CA ILE C 75 -15.75 3.07 7.98
C ILE C 75 -15.00 4.21 8.64
N ILE C 76 -13.94 3.85 9.37
CA ILE C 76 -13.06 4.82 10.01
C ILE C 76 -11.76 4.96 9.24
N LEU C 77 -11.26 6.19 9.09
CA LEU C 77 -9.96 6.42 8.50
C LEU C 77 -9.11 7.13 9.56
N SER C 78 -7.91 6.60 9.82
CA SER C 78 -6.99 7.19 10.78
C SER C 78 -5.71 7.51 10.05
N LEU C 79 -5.22 8.76 10.26
CA LEU C 79 -4.09 9.30 9.52
C LEU C 79 -3.02 9.83 10.41
N ARG C 80 -1.77 9.63 10.01
CA ARG C 80 -0.64 10.22 10.72
C ARG C 80 0.24 10.87 9.66
N LYS C 81 0.44 12.19 9.76
CA LYS C 81 1.22 12.97 8.80
C LYS C 81 2.61 13.21 9.37
N LYS C 82 3.62 12.98 8.55
CA LYS C 82 5.00 13.20 8.97
C LYS C 82 5.71 13.66 7.71
N GLY C 83 6.20 14.88 7.72
CA GLY C 83 6.82 15.47 6.55
C GLY C 83 5.82 15.58 5.41
N THR C 84 6.13 14.95 4.27
CA THR C 84 5.22 15.01 3.12
C THR C 84 4.56 13.66 2.86
N THR C 85 4.45 12.82 3.91
CA THR C 85 3.81 11.52 3.73
C THR C 85 2.72 11.39 4.77
N VAL C 86 1.58 10.82 4.38
CA VAL C 86 0.55 10.49 5.36
C VAL C 86 0.45 8.96 5.43
N GLU C 87 0.53 8.41 6.65
CA GLU C 87 0.33 6.97 6.87
C GLU C 87 -1.15 6.79 7.20
N TYR C 88 -1.83 5.90 6.48
CA TYR C 88 -3.25 5.68 6.78
C TYR C 88 -3.48 4.29 7.38
N SER C 89 -4.63 4.16 8.07
CA SER C 89 -5.12 2.88 8.60
C SER C 89 -6.62 2.92 8.47
N ILE C 90 -7.19 1.85 7.94
CA ILE C 90 -8.63 1.71 7.76
C ILE C 90 -9.19 0.87 8.90
N GLY C 91 -10.22 1.40 9.58
CA GLY C 91 -10.83 0.73 10.72
C GLY C 91 -12.34 0.71 10.63
N GLY C 92 -12.96 0.32 11.74
CA GLY C 92 -14.42 0.22 11.82
C GLY C 92 -14.97 -1.03 11.15
N GLU C 93 -16.28 -1.00 10.89
N GLU C 93 -16.31 -1.10 11.02
CA GLU C 93 -17.00 -2.09 10.23
CA GLU C 93 -17.04 -2.19 10.38
C GLU C 93 -18.04 -1.46 9.37
C GLU C 93 -18.09 -1.54 9.46
N ILE C 94 -18.31 -2.07 8.24
CA ILE C 94 -19.36 -1.54 7.35
C ILE C 94 -20.66 -1.89 8.04
N SER C 95 -21.43 -0.86 8.36
CA SER C 95 -22.68 -1.07 9.12
C SER C 95 -23.92 -0.49 8.50
N SER C 96 -23.79 0.02 7.28
CA SER C 96 -24.94 0.46 6.50
C SER C 96 -24.59 0.29 5.04
N SER C 97 -25.59 0.35 4.17
CA SER C 97 -25.34 0.18 2.74
C SER C 97 -24.52 1.34 2.18
N ILE C 98 -23.37 1.00 1.61
CA ILE C 98 -22.48 1.95 0.96
C ILE C 98 -22.58 1.67 -0.53
N LEU C 99 -23.15 2.60 -1.29
CA LEU C 99 -23.31 2.36 -2.72
C LEU C 99 -21.99 2.38 -3.45
N ALA C 100 -21.89 1.61 -4.55
CA ALA C 100 -20.71 1.64 -5.41
C ALA C 100 -20.49 3.10 -5.88
N ASN C 101 -19.22 3.57 -5.89
CA ASN C 101 -18.82 4.90 -6.40
C ASN C 101 -19.36 6.06 -5.57
N SER C 102 -19.77 5.82 -4.34
CA SER C 102 -20.41 6.89 -3.58
C SER C 102 -19.51 7.73 -2.72
N ASN C 103 -19.95 8.95 -2.47
CA ASN C 103 -19.25 9.83 -1.53
C ASN C 103 -19.52 9.34 -0.12
N LEU C 104 -18.48 9.40 0.74
CA LEU C 104 -18.56 9.08 2.17
C LEU C 104 -18.70 10.45 2.82
N VAL C 105 -19.93 10.75 3.30
CA VAL C 105 -20.32 12.11 3.69
C VAL C 105 -20.37 12.45 5.19
N ASN C 106 -20.04 11.51 6.07
CA ASN C 106 -20.09 11.79 7.51
C ASN C 106 -18.94 12.71 7.92
N ARG C 107 -17.71 12.48 7.41
CA ARG C 107 -16.58 13.33 7.72
C ARG C 107 -15.70 13.40 6.51
N SER C 108 -15.20 14.62 6.24
CA SER C 108 -14.21 14.78 5.18
C SER C 108 -12.84 14.81 5.84
N VAL C 109 -11.80 14.50 5.06
CA VAL C 109 -10.44 14.59 5.59
C VAL C 109 -10.09 16.09 5.66
N PRO C 110 -9.60 16.60 6.81
CA PRO C 110 -9.27 18.04 6.92
C PRO C 110 -8.21 18.44 5.89
N ASN C 111 -8.27 19.71 5.48
CA ASN C 111 -7.35 20.22 4.48
C ASN C 111 -5.86 19.88 4.72
N GLU C 112 -5.39 19.96 5.97
CA GLU C 112 -3.97 19.69 6.21
C GLU C 112 -3.49 18.27 5.92
N PHE C 113 -4.44 17.34 5.80
CA PHE C 113 -4.15 15.95 5.48
C PHE C 113 -4.51 15.62 4.03
N CYS C 114 -5.00 16.60 3.26
CA CYS C 114 -5.43 16.33 1.88
C CYS C 114 -4.27 16.33 0.92
N PRO C 115 -4.27 15.38 -0.05
CA PRO C 115 -3.20 15.35 -1.06
C PRO C 115 -3.44 16.40 -2.14
N ARG C 116 -2.43 16.62 -2.98
CA ARG C 116 -2.55 17.53 -4.11
C ARG C 116 -3.22 16.75 -5.25
N ASN C 117 -2.82 15.47 -5.41
CA ASN C 117 -3.37 14.59 -6.44
C ASN C 117 -4.38 13.68 -5.77
N ARG C 118 -5.40 13.25 -6.49
CA ARG C 118 -6.34 12.29 -5.92
C ARG C 118 -5.58 10.95 -5.75
N CYS C 119 -5.75 10.33 -4.56
CA CYS C 119 -5.08 9.05 -4.24
C CYS C 119 -6.09 7.95 -4.02
N SER C 120 -5.70 6.71 -4.38
CA SER C 120 -6.56 5.54 -4.27
C SER C 120 -5.98 4.60 -3.23
N LEU C 121 -6.65 4.54 -2.06
CA LEU C 121 -6.16 3.77 -0.92
C LEU C 121 -6.73 2.38 -0.94
N VAL C 122 -5.88 1.38 -1.26
CA VAL C 122 -6.36 0.00 -1.37
C VAL C 122 -6.53 -0.65 -0.01
N GLY C 123 -7.64 -1.34 0.17
CA GLY C 123 -7.85 -2.10 1.39
C GLY C 123 -8.36 -3.49 1.07
N HIS C 124 -8.61 -4.27 2.10
CA HIS C 124 -9.08 -5.65 1.94
C HIS C 124 -10.12 -5.99 3.02
N MET C 125 -11.11 -6.81 2.65
CA MET C 125 -12.16 -7.21 3.57
C MET C 125 -11.74 -8.49 4.29
N VAL C 126 -11.76 -8.48 5.61
CA VAL C 126 -11.38 -9.69 6.37
C VAL C 126 -12.21 -10.93 5.93
N GLY C 127 -11.52 -12.07 5.81
CA GLY C 127 -12.20 -13.35 5.66
C GLY C 127 -12.40 -13.89 4.28
N GLY C 128 -12.01 -13.12 3.27
CA GLY C 128 -12.18 -13.58 1.90
C GLY C 128 -11.10 -13.02 1.00
N TRP C 129 -11.38 -12.99 -0.29
CA TRP C 129 -10.43 -12.50 -1.31
C TRP C 129 -10.78 -11.10 -1.83
N ASN C 130 -11.67 -10.39 -1.13
CA ASN C 130 -12.18 -9.12 -1.63
C ASN C 130 -11.38 -7.90 -1.31
N ALA C 131 -11.02 -7.14 -2.34
CA ALA C 131 -10.34 -5.85 -2.14
C ALA C 131 -11.26 -4.70 -2.52
N PHE C 132 -10.95 -3.53 -2.02
CA PHE C 132 -11.65 -2.31 -2.40
C PHE C 132 -10.63 -1.19 -2.45
N HIS C 133 -11.06 0.00 -2.84
CA HIS C 133 -10.26 1.19 -2.61
C HIS C 133 -11.16 2.33 -2.24
N ILE C 134 -10.60 3.24 -1.46
CA ILE C 134 -11.27 4.50 -1.09
C ILE C 134 -10.42 5.61 -1.68
N ASP C 135 -11.04 6.53 -2.43
CA ASP C 135 -10.23 7.65 -2.89
C ASP C 135 -10.25 8.78 -1.94
N ILE C 136 -9.10 9.42 -1.80
N ILE C 136 -9.10 9.44 -1.80
CA ILE C 136 -8.97 10.66 -1.05
CA ILE C 136 -9.01 10.69 -1.07
C ILE C 136 -8.61 11.72 -2.09
C ILE C 136 -8.62 11.70 -2.12
N PRO C 137 -9.58 12.53 -2.55
CA PRO C 137 -9.25 13.58 -3.52
C PRO C 137 -8.69 14.82 -2.78
N SER C 138 -8.25 15.84 -3.54
CA SER C 138 -7.73 17.07 -2.92
C SER C 138 -8.75 17.76 -2.01
N SER C 139 -10.06 17.57 -2.27
CA SER C 139 -11.12 18.15 -1.42
C SER C 139 -11.27 17.42 -0.07
N GLY C 140 -10.77 16.20 0.02
CA GLY C 140 -10.95 15.40 1.24
C GLY C 140 -12.30 14.73 1.37
N VAL C 141 -13.17 14.84 0.34
CA VAL C 141 -14.46 14.15 0.34
C VAL C 141 -14.18 12.75 -0.21
N CYS C 142 -14.03 11.78 0.68
CA CYS C 142 -13.63 10.45 0.25
C CYS C 142 -14.72 9.71 -0.47
N GLN C 143 -14.34 8.76 -1.31
CA GLN C 143 -15.31 7.99 -2.11
C GLN C 143 -15.00 6.50 -2.05
N TRP C 144 -16.05 5.68 -1.97
CA TRP C 144 -15.92 4.23 -1.93
C TRP C 144 -15.96 3.70 -3.34
N PHE C 145 -14.91 2.98 -3.75
CA PHE C 145 -14.86 2.37 -5.06
C PHE C 145 -14.94 0.86 -5.11
N GLY C 146 -15.47 0.26 -4.05
CA GLY C 146 -15.84 -1.14 -4.09
C GLY C 146 -17.24 -1.20 -4.70
N PRO C 147 -17.84 -2.40 -4.72
CA PRO C 147 -19.24 -2.50 -5.18
C PRO C 147 -20.15 -2.08 -4.03
N THR C 148 -21.45 -2.08 -4.27
CA THR C 148 -22.38 -1.79 -3.17
C THR C 148 -22.16 -2.85 -2.08
N ALA C 149 -21.97 -2.39 -0.85
CA ALA C 149 -21.67 -3.28 0.28
C ALA C 149 -22.36 -2.82 1.54
N SER C 150 -22.73 -3.78 2.39
CA SER C 150 -23.47 -3.42 3.60
C SER C 150 -22.99 -4.12 4.86
N SER C 151 -21.87 -4.88 4.77
CA SER C 151 -21.33 -5.60 5.93
C SER C 151 -19.85 -5.87 5.68
N GLY C 152 -19.19 -6.35 6.71
CA GLY C 152 -17.78 -6.73 6.60
C GLY C 152 -16.85 -5.82 7.37
N THR C 153 -15.62 -6.30 7.50
CA THR C 153 -14.58 -5.60 8.25
C THR C 153 -13.50 -5.16 7.27
N PRO C 154 -13.44 -3.85 6.98
CA PRO C 154 -12.43 -3.34 6.04
C PRO C 154 -11.13 -3.00 6.75
N ARG C 155 -9.99 -3.41 6.19
CA ARG C 155 -8.69 -3.11 6.80
C ARG C 155 -7.67 -2.77 5.74
N GLY C 156 -6.59 -2.15 6.15
CA GLY C 156 -5.49 -1.82 5.25
C GLY C 156 -4.73 -0.63 5.73
N THR C 157 -3.40 -0.75 5.67
CA THR C 157 -2.52 0.35 6.01
C THR C 157 -1.64 0.67 4.80
N GLY C 158 -1.19 1.90 4.72
CA GLY C 158 -0.32 2.28 3.62
C GLY C 158 -0.01 3.75 3.72
N THR C 159 0.40 4.38 2.58
CA THR C 159 0.77 5.79 2.63
C THR C 159 0.27 6.49 1.39
N TYR C 160 0.15 7.80 1.49
CA TYR C 160 -0.08 8.67 0.34
C TYR C 160 0.69 9.95 0.53
N PRO C 161 1.02 10.66 -0.58
CA PRO C 161 1.83 11.87 -0.46
C PRO C 161 0.99 13.12 -0.19
N ILE C 162 1.61 14.09 0.49
CA ILE C 162 1.01 15.37 0.75
C ILE C 162 2.01 16.49 0.42
N ASP C 163 1.51 17.68 0.12
CA ASP C 163 2.37 18.84 -0.10
C ASP C 163 1.68 20.16 0.18
N GLN D 1 -12.52 25.44 -7.14
CA GLN D 1 -13.87 25.63 -7.64
C GLN D 1 -13.81 26.28 -9.00
N VAL D 2 -14.56 25.71 -9.96
CA VAL D 2 -14.62 26.20 -11.32
C VAL D 2 -16.00 26.11 -11.91
N GLN D 3 -16.38 27.15 -12.65
CA GLN D 3 -17.61 27.18 -13.40
C GLN D 3 -17.14 26.92 -14.81
N LEU D 4 -17.73 25.94 -15.49
CA LEU D 4 -17.31 25.57 -16.83
C LEU D 4 -18.43 25.75 -17.83
N VAL D 5 -18.12 26.39 -18.97
CA VAL D 5 -19.10 26.62 -20.04
C VAL D 5 -18.55 26.09 -21.36
N GLU D 6 -19.24 25.11 -21.96
CA GLU D 6 -18.85 24.57 -23.27
C GLU D 6 -19.48 25.39 -24.37
N SER D 7 -18.84 25.38 -25.54
CA SER D 7 -19.31 26.03 -26.77
C SER D 7 -18.68 25.30 -27.95
N GLY D 8 -19.22 25.49 -29.15
CA GLY D 8 -18.65 24.92 -30.36
C GLY D 8 -19.37 23.73 -30.98
N GLY D 9 -20.41 23.24 -30.32
CA GLY D 9 -21.19 22.10 -30.80
C GLY D 9 -22.05 22.45 -31.99
N GLY D 10 -22.53 21.43 -32.70
CA GLY D 10 -23.38 21.60 -33.87
C GLY D 10 -23.35 20.43 -34.84
N LEU D 11 -23.80 20.68 -36.07
CA LEU D 11 -23.87 19.69 -37.14
C LEU D 11 -22.56 19.66 -37.93
N VAL D 12 -22.15 18.46 -38.38
CA VAL D 12 -20.92 18.21 -39.13
C VAL D 12 -21.08 16.96 -40.04
N GLN D 13 -20.61 17.03 -41.29
CA GLN D 13 -20.67 15.89 -42.23
C GLN D 13 -19.58 14.90 -41.84
N ALA D 14 -19.81 13.58 -42.10
CA ALA D 14 -18.83 12.53 -41.83
C ALA D 14 -17.52 12.84 -42.56
N GLY D 15 -16.42 12.83 -41.82
CA GLY D 15 -15.09 13.15 -42.34
C GLY D 15 -14.69 14.59 -42.07
N GLY D 16 -15.64 15.39 -41.58
CA GLY D 16 -15.47 16.81 -41.29
C GLY D 16 -14.81 17.09 -39.95
N SER D 17 -14.64 18.39 -39.64
CA SER D 17 -14.00 18.83 -38.39
C SER D 17 -14.87 19.76 -37.59
N LEU D 18 -14.69 19.73 -36.25
CA LEU D 18 -15.41 20.58 -35.30
C LEU D 18 -14.49 20.78 -34.09
N ARG D 19 -14.45 22.01 -33.56
CA ARG D 19 -13.62 22.34 -32.40
C ARG D 19 -14.50 22.79 -31.25
N LEU D 20 -14.41 22.08 -30.10
CA LEU D 20 -15.18 22.45 -28.92
C LEU D 20 -14.27 23.22 -27.99
N SER D 21 -14.86 24.12 -27.20
CA SER D 21 -14.15 24.95 -26.24
CA SER D 21 -14.12 24.90 -26.23
C SER D 21 -14.88 24.88 -24.91
N CYS D 22 -14.14 24.96 -23.82
CA CYS D 22 -14.71 24.95 -22.49
C CYS D 22 -13.97 26.00 -21.71
N ALA D 23 -14.67 27.10 -21.40
CA ALA D 23 -14.08 28.21 -20.68
C ALA D 23 -14.43 28.12 -19.22
N ALA D 24 -13.42 28.34 -18.37
CA ALA D 24 -13.57 28.35 -16.92
C ALA D 24 -13.60 29.80 -16.42
N SER D 25 -14.51 30.05 -15.46
CA SER D 25 -14.73 31.39 -14.89
C SER D 25 -13.68 31.86 -13.87
N GLU D 26 -12.64 31.03 -13.60
CA GLU D 26 -11.61 31.33 -12.61
C GLU D 26 -10.22 30.95 -13.11
N SER D 27 -9.16 31.65 -12.60
CA SER D 27 -7.77 31.35 -12.95
C SER D 27 -7.26 30.09 -12.22
N THR D 28 -8.04 29.58 -11.23
CA THR D 28 -7.75 28.34 -10.50
C THR D 28 -7.83 27.12 -11.45
N PHE D 29 -8.34 27.35 -12.69
CA PHE D 29 -8.45 26.40 -13.79
C PHE D 29 -7.14 25.61 -13.98
N SER D 30 -5.98 26.31 -13.92
CA SER D 30 -4.64 25.70 -14.08
C SER D 30 -4.27 24.67 -12.99
N ASN D 31 -5.05 24.58 -11.90
CA ASN D 31 -4.81 23.61 -10.82
C ASN D 31 -5.55 22.29 -11.09
N TYR D 32 -6.34 22.27 -12.19
CA TYR D 32 -7.13 21.09 -12.53
C TYR D 32 -6.68 20.42 -13.80
N ALA D 33 -6.76 19.08 -13.79
CA ALA D 33 -6.63 18.29 -14.99
C ALA D 33 -8.02 18.42 -15.65
N MET D 34 -8.10 18.43 -16.99
CA MET D 34 -9.40 18.57 -17.63
C MET D 34 -9.71 17.35 -18.43
N GLY D 35 -10.99 17.03 -18.51
CA GLY D 35 -11.43 15.90 -19.32
C GLY D 35 -12.61 16.26 -20.19
N TRP D 36 -12.66 15.65 -21.36
CA TRP D 36 -13.81 15.74 -22.25
C TRP D 36 -14.49 14.38 -22.15
N PHE D 37 -15.80 14.40 -21.88
CA PHE D 37 -16.62 13.21 -21.76
C PHE D 37 -17.73 13.33 -22.78
N ARG D 38 -18.32 12.20 -23.17
CA ARG D 38 -19.46 12.27 -24.10
C ARG D 38 -20.57 11.33 -23.61
N GLN D 39 -21.82 11.73 -23.88
CA GLN D 39 -22.98 10.92 -23.51
C GLN D 39 -23.92 10.86 -24.68
N ALA D 40 -23.96 9.69 -25.34
CA ALA D 40 -24.87 9.46 -26.46
C ALA D 40 -26.29 9.23 -25.92
N PRO D 43 -26.80 5.33 -23.52
CA PRO D 43 -25.72 4.82 -22.66
C PRO D 43 -25.17 5.89 -21.73
N GLU D 44 -24.35 5.44 -20.75
CA GLU D 44 -23.63 6.20 -19.72
C GLU D 44 -22.68 7.26 -20.36
N ARG D 45 -22.06 8.11 -19.54
CA ARG D 45 -21.11 9.13 -19.98
C ARG D 45 -19.69 8.51 -19.93
N GLU D 46 -18.94 8.58 -21.06
CA GLU D 46 -17.60 7.98 -21.16
C GLU D 46 -16.54 9.03 -21.44
N PHE D 47 -15.31 8.84 -20.92
CA PHE D 47 -14.27 9.81 -21.23
C PHE D 47 -13.88 9.72 -22.71
N VAL D 48 -13.39 10.82 -23.26
CA VAL D 48 -12.94 10.91 -24.64
C VAL D 48 -11.45 11.28 -24.64
N ALA D 49 -11.09 12.28 -23.83
CA ALA D 49 -9.70 12.74 -23.74
C ALA D 49 -9.50 13.44 -22.42
N THR D 50 -8.30 13.32 -21.86
CA THR D 50 -7.93 14.03 -20.64
C THR D 50 -6.61 14.76 -20.86
N ILE D 51 -6.36 15.78 -20.03
CA ILE D 51 -5.15 16.60 -20.12
C ILE D 51 -4.68 17.05 -18.76
N SER D 52 -3.38 16.97 -18.51
CA SER D 52 -2.83 17.39 -17.22
C SER D 52 -2.88 18.93 -17.11
N GLN D 53 -2.74 19.42 -15.86
CA GLN D 53 -2.69 20.83 -15.45
C GLN D 53 -1.93 21.74 -16.40
N THR D 54 -0.69 21.36 -16.77
CA THR D 54 0.17 22.17 -17.66
C THR D 54 -0.05 21.86 -19.14
N GLY D 55 -0.70 20.73 -19.41
CA GLY D 55 -0.92 20.25 -20.76
C GLY D 55 0.19 19.33 -21.24
N SER D 56 1.15 18.99 -20.35
CA SER D 56 2.29 18.13 -20.68
C SER D 56 1.91 16.69 -21.00
N HIS D 57 0.76 16.22 -20.48
CA HIS D 57 0.33 14.84 -20.70
C HIS D 57 -1.11 14.82 -21.16
N THR D 58 -1.41 13.91 -22.08
CA THR D 58 -2.76 13.69 -22.61
C THR D 58 -3.04 12.22 -22.71
N TYR D 59 -4.31 11.87 -22.69
CA TYR D 59 -4.72 10.48 -22.79
C TYR D 59 -6.02 10.47 -23.57
N TYR D 60 -6.16 9.52 -24.49
CA TYR D 60 -7.35 9.45 -25.35
C TYR D 60 -7.96 8.09 -25.34
N ARG D 61 -9.29 8.02 -25.50
CA ARG D 61 -9.98 6.75 -25.70
C ARG D 61 -9.52 6.20 -27.08
N ASN D 62 -9.34 4.86 -27.22
CA ASN D 62 -8.83 4.24 -28.44
C ASN D 62 -9.55 4.66 -29.71
N SER D 63 -10.89 4.76 -29.65
CA SER D 63 -11.70 5.10 -30.83
C SER D 63 -11.53 6.52 -31.37
N VAL D 64 -10.88 7.42 -30.59
CA VAL D 64 -10.69 8.81 -31.03
C VAL D 64 -9.23 9.14 -31.31
N LYS D 65 -8.31 8.18 -31.07
CA LYS D 65 -6.87 8.35 -31.29
C LYS D 65 -6.52 8.70 -32.72
N GLY D 66 -5.74 9.76 -32.88
CA GLY D 66 -5.31 10.27 -34.18
C GLY D 66 -6.31 11.20 -34.84
N ARG D 67 -7.57 11.21 -34.35
CA ARG D 67 -8.64 12.04 -34.88
CA ARG D 67 -8.66 12.04 -34.87
C ARG D 67 -8.95 13.23 -33.96
N PHE D 68 -8.91 13.01 -32.62
CA PHE D 68 -9.20 14.08 -31.67
C PHE D 68 -7.91 14.58 -31.02
N THR D 69 -7.88 15.86 -30.68
CA THR D 69 -6.75 16.46 -29.98
C THR D 69 -7.26 17.34 -28.87
N ILE D 70 -6.81 17.04 -27.64
CA ILE D 70 -7.16 17.87 -26.50
C ILE D 70 -5.97 18.81 -26.21
N SER D 71 -6.28 20.05 -25.90
CA SER D 71 -5.29 21.10 -25.60
C SER D 71 -5.89 22.12 -24.69
N ARG D 72 -5.03 22.92 -24.04
CA ARG D 72 -5.52 23.93 -23.12
C ARG D 72 -4.68 25.20 -23.21
N ASP D 73 -5.31 26.31 -22.86
CA ASP D 73 -4.69 27.64 -22.82
C ASP D 73 -4.95 28.19 -21.43
N ASN D 74 -3.98 27.96 -20.52
CA ASN D 74 -4.09 28.38 -19.13
C ASN D 74 -4.21 29.91 -18.97
N ALA D 75 -3.61 30.69 -19.91
CA ALA D 75 -3.69 32.16 -19.91
C ALA D 75 -5.13 32.62 -20.23
N LYS D 76 -5.89 31.79 -20.99
CA LYS D 76 -7.28 32.02 -21.39
C LYS D 76 -8.31 31.22 -20.54
N ASN D 77 -7.82 30.38 -19.59
CA ASN D 77 -8.67 29.53 -18.73
C ASN D 77 -9.61 28.63 -19.56
N THR D 78 -9.11 28.11 -20.68
CA THR D 78 -9.89 27.33 -21.64
C THR D 78 -9.21 26.03 -22.04
N VAL D 79 -10.01 24.99 -22.26
CA VAL D 79 -9.59 23.68 -22.75
C VAL D 79 -10.34 23.44 -24.06
N TYR D 80 -9.66 22.83 -25.03
CA TYR D 80 -10.21 22.59 -26.36
C TYR D 80 -10.23 21.14 -26.73
N LEU D 81 -11.18 20.77 -27.60
CA LEU D 81 -11.22 19.44 -28.16
C LEU D 81 -11.39 19.62 -29.68
N GLN D 82 -10.32 19.35 -30.41
CA GLN D 82 -10.32 19.47 -31.87
C GLN D 82 -10.69 18.11 -32.40
N MET D 83 -11.83 18.01 -33.06
CA MET D 83 -12.30 16.73 -33.59
C MET D 83 -12.21 16.76 -35.10
N ASN D 84 -11.38 15.89 -35.68
CA ASN D 84 -11.16 15.75 -37.13
C ASN D 84 -11.65 14.39 -37.60
N ASN D 85 -11.88 14.24 -38.94
CA ASN D 85 -12.39 13.00 -39.53
C ASN D 85 -13.53 12.43 -38.69
N MET D 86 -14.54 13.27 -38.41
CA MET D 86 -15.66 12.88 -37.57
C MET D 86 -16.50 11.75 -38.17
N LYS D 87 -17.01 10.88 -37.30
CA LYS D 87 -17.78 9.71 -37.68
C LYS D 87 -19.15 9.73 -37.01
N PRO D 88 -20.22 9.10 -37.59
CA PRO D 88 -21.52 9.05 -36.88
C PRO D 88 -21.39 8.59 -35.41
N GLU D 89 -20.38 7.73 -35.16
CA GLU D 89 -19.87 7.17 -33.88
CA GLU D 89 -20.06 7.16 -33.84
C GLU D 89 -19.83 8.25 -32.80
N ASP D 90 -19.38 9.45 -33.22
CA ASP D 90 -19.12 10.63 -32.39
C ASP D 90 -20.33 11.44 -31.97
N THR D 91 -21.54 11.15 -32.50
CA THR D 91 -22.74 11.89 -32.09
C THR D 91 -23.01 11.67 -30.60
N ALA D 92 -23.11 12.76 -29.83
CA ALA D 92 -23.39 12.75 -28.38
C ALA D 92 -23.42 14.17 -27.87
N VAL D 93 -23.78 14.33 -26.58
CA VAL D 93 -23.64 15.59 -25.89
C VAL D 93 -22.25 15.47 -25.21
N TYR D 94 -21.37 16.43 -25.52
CA TYR D 94 -20.00 16.46 -25.00
C TYR D 94 -19.95 17.36 -23.80
N TYR D 95 -19.24 16.90 -22.74
CA TYR D 95 -19.14 17.62 -21.49
C TYR D 95 -17.69 17.81 -21.13
N CYS D 96 -17.34 18.99 -20.62
CA CYS D 96 -15.99 19.21 -20.09
C CYS D 96 -16.07 19.06 -18.57
N ALA D 97 -15.01 18.52 -17.98
CA ALA D 97 -14.98 18.31 -16.54
C ALA D 97 -13.62 18.67 -16.00
N ALA D 98 -13.58 19.10 -14.74
CA ALA D 98 -12.32 19.41 -14.05
C ALA D 98 -12.11 18.43 -12.89
N GLY D 99 -10.91 17.91 -12.76
CA GLY D 99 -10.54 16.95 -11.71
C GLY D 99 -9.11 17.12 -11.25
N ASP D 100 -8.68 16.23 -10.36
CA ASP D 100 -7.33 16.30 -9.81
C ASP D 100 -6.26 15.76 -10.74
N ASN D 101 -6.54 14.66 -11.49
CA ASN D 101 -5.48 14.06 -12.32
C ASN D 101 -5.95 13.53 -13.66
N TYR D 102 -5.12 13.76 -14.70
CA TYR D 102 -5.52 13.35 -16.04
C TYR D 102 -5.61 11.83 -16.18
N TYR D 103 -4.88 11.10 -15.33
CA TYR D 103 -4.83 9.63 -15.40
C TYR D 103 -6.06 8.95 -14.80
N TYR D 104 -6.99 9.76 -14.22
CA TYR D 104 -8.29 9.26 -13.73
C TYR D 104 -9.25 9.43 -14.92
N THR D 105 -10.13 8.44 -15.14
CA THR D 105 -10.95 8.37 -16.37
C THR D 105 -12.45 8.30 -16.17
N ARG D 106 -12.93 8.08 -14.92
CA ARG D 106 -14.37 7.93 -14.66
C ARG D 106 -15.04 9.25 -14.36
N THR D 107 -16.35 9.38 -14.68
CA THR D 107 -17.09 10.61 -14.34
C THR D 107 -16.95 10.91 -12.82
N TYR D 108 -17.04 9.88 -11.98
CA TYR D 108 -16.92 9.95 -10.51
C TYR D 108 -15.63 10.53 -10.03
N GLU D 109 -14.59 10.46 -10.87
CA GLU D 109 -13.25 10.91 -10.50
C GLU D 109 -13.01 12.36 -10.90
N TYR D 110 -14.05 13.03 -11.40
CA TYR D 110 -14.02 14.45 -11.80
C TYR D 110 -14.97 15.22 -10.92
N ASP D 111 -14.65 16.47 -10.63
CA ASP D 111 -15.35 17.23 -9.59
C ASP D 111 -16.24 18.38 -10.02
N TYR D 112 -16.04 18.92 -11.23
CA TYR D 112 -16.82 20.04 -11.79
C TYR D 112 -17.19 19.76 -13.21
N TRP D 113 -18.42 20.13 -13.59
CA TRP D 113 -18.95 19.84 -14.92
C TRP D 113 -19.54 21.04 -15.63
N GLY D 114 -19.42 21.03 -16.95
CA GLY D 114 -20.06 22.03 -17.81
C GLY D 114 -21.46 21.55 -18.12
N GLN D 115 -22.27 22.41 -18.78
CA GLN D 115 -23.66 22.08 -19.11
C GLN D 115 -23.81 21.07 -20.24
N GLY D 116 -22.77 20.94 -21.05
CA GLY D 116 -22.75 20.06 -22.20
C GLY D 116 -23.14 20.78 -23.48
N THR D 117 -22.64 20.27 -24.61
CA THR D 117 -22.90 20.79 -25.95
C THR D 117 -23.18 19.63 -26.91
N GLN D 118 -24.21 19.75 -27.75
CA GLN D 118 -24.58 18.70 -28.69
C GLN D 118 -23.70 18.71 -29.93
N VAL D 119 -23.23 17.52 -30.34
CA VAL D 119 -22.43 17.30 -31.53
C VAL D 119 -23.14 16.20 -32.32
N THR D 120 -23.52 16.50 -33.60
CA THR D 120 -24.20 15.54 -34.47
C THR D 120 -23.43 15.34 -35.77
N VAL D 121 -23.07 14.08 -36.06
CA VAL D 121 -22.35 13.74 -37.28
C VAL D 121 -23.29 12.94 -38.19
N SER D 122 -23.48 13.44 -39.43
CA SER D 122 -24.31 12.77 -40.44
C SER D 122 -23.43 11.83 -41.26
N SER D 123 -24.01 10.72 -41.79
CA SER D 123 -23.27 9.73 -42.60
C SER D 123 -23.23 10.08 -44.08
N GLN E 1 1.41 -3.17 30.08
CA GLN E 1 0.53 -4.26 30.54
C GLN E 1 -0.47 -3.76 31.60
N VAL E 2 -1.74 -4.21 31.51
CA VAL E 2 -2.84 -3.76 32.36
C VAL E 2 -3.68 -4.92 32.90
N GLN E 3 -4.25 -4.76 34.10
CA GLN E 3 -5.18 -5.72 34.68
C GLN E 3 -6.53 -5.00 34.72
N LEU E 4 -7.59 -5.64 34.18
CA LEU E 4 -8.91 -5.02 34.12
C LEU E 4 -9.92 -5.78 34.96
N VAL E 5 -10.71 -5.06 35.77
CA VAL E 5 -11.73 -5.64 36.63
C VAL E 5 -13.06 -4.95 36.39
N GLU E 6 -14.04 -5.70 35.85
CA GLU E 6 -15.38 -5.19 35.60
C GLU E 6 -16.24 -5.29 36.86
N SER E 7 -17.27 -4.44 36.92
CA SER E 7 -18.29 -4.47 37.98
C SER E 7 -19.57 -3.83 37.46
N GLY E 8 -20.67 -4.05 38.17
CA GLY E 8 -21.96 -3.45 37.82
C GLY E 8 -22.96 -4.31 37.08
N GLY E 9 -22.60 -5.55 36.80
CA GLY E 9 -23.53 -6.44 36.11
C GLY E 9 -24.69 -6.83 37.02
N GLY E 10 -25.76 -7.29 36.42
CA GLY E 10 -26.92 -7.71 37.18
C GLY E 10 -28.19 -7.71 36.39
N LEU E 11 -29.30 -7.82 37.12
CA LEU E 11 -30.63 -7.89 36.56
C LEU E 11 -31.18 -6.48 36.39
N VAL E 12 -31.84 -6.25 35.28
CA VAL E 12 -32.50 -5.00 34.93
C VAL E 12 -33.75 -5.35 34.11
N GLN E 13 -34.86 -4.63 34.25
CA GLN E 13 -35.96 -5.00 33.37
C GLN E 13 -36.00 -4.14 32.11
N ALA E 14 -36.64 -4.65 31.03
CA ALA E 14 -36.76 -3.96 29.74
C ALA E 14 -37.15 -2.50 29.92
N GLY E 15 -36.38 -1.62 29.30
CA GLY E 15 -36.57 -0.18 29.40
C GLY E 15 -35.76 0.48 30.50
N GLY E 16 -35.16 -0.34 31.36
CA GLY E 16 -34.35 0.13 32.46
C GLY E 16 -32.95 0.58 32.05
N SER E 17 -32.17 1.01 33.04
CA SER E 17 -30.80 1.49 32.90
C SER E 17 -29.83 0.72 33.79
N LEU E 18 -28.61 0.50 33.29
CA LEU E 18 -27.57 -0.14 34.08
C LEU E 18 -26.24 0.44 33.64
N ARG E 19 -25.31 0.64 34.60
CA ARG E 19 -23.98 1.18 34.30
CA ARG E 19 -24.00 1.18 34.30
C ARG E 19 -22.90 0.17 34.66
N LEU E 20 -22.07 -0.21 33.68
CA LEU E 20 -20.98 -1.11 33.94
C LEU E 20 -19.74 -0.27 34.11
N SER E 21 -18.79 -0.75 34.91
CA SER E 21 -17.52 -0.07 35.15
CA SER E 21 -17.53 -0.05 35.07
C SER E 21 -16.40 -1.05 34.92
N CYS E 22 -15.24 -0.57 34.49
CA CYS E 22 -14.09 -1.43 34.32
C CYS E 22 -12.91 -0.61 34.78
N ALA E 23 -12.25 -1.08 35.86
CA ALA E 23 -11.12 -0.35 36.45
C ALA E 23 -9.83 -1.05 36.13
N ALA E 24 -8.83 -0.26 35.67
CA ALA E 24 -7.48 -0.73 35.39
C ALA E 24 -6.69 -0.54 36.67
N SER E 25 -5.77 -1.46 36.94
CA SER E 25 -4.95 -1.45 38.14
CA SER E 25 -4.92 -1.48 38.13
C SER E 25 -3.84 -0.40 38.14
N GLU E 26 -3.49 0.19 36.95
CA GLU E 26 -2.43 1.19 36.85
CA GLU E 26 -2.43 1.20 36.86
C GLU E 26 -2.83 2.43 36.04
N SER E 27 -2.14 3.58 36.31
CA SER E 27 -2.31 4.89 35.66
C SER E 27 -1.98 4.84 34.17
N THR E 28 -1.30 3.76 33.72
CA THR E 28 -0.98 3.52 32.30
C THR E 28 -2.28 3.32 31.48
N PHE E 29 -3.42 3.24 32.19
CA PHE E 29 -4.76 3.12 31.59
C PHE E 29 -4.93 4.16 30.47
N SER E 30 -4.47 5.41 30.70
CA SER E 30 -4.64 6.49 29.73
C SER E 30 -3.85 6.29 28.42
N ASN E 31 -2.98 5.27 28.34
CA ASN E 31 -2.25 4.98 27.11
C ASN E 31 -3.04 4.03 26.23
N TYR E 32 -4.19 3.56 26.70
CA TYR E 32 -4.96 2.57 25.95
C TYR E 32 -6.32 3.04 25.51
N ALA E 33 -6.70 2.65 24.29
CA ALA E 33 -8.09 2.76 23.83
C ALA E 33 -8.86 1.65 24.57
N MET E 34 -10.11 1.90 24.93
CA MET E 34 -10.87 0.86 25.64
C MET E 34 -12.05 0.46 24.81
N GLY E 35 -12.44 -0.80 24.92
CA GLY E 35 -13.61 -1.27 24.19
C GLY E 35 -14.48 -2.10 25.09
N TRP E 36 -15.78 -2.08 24.85
CA TRP E 36 -16.72 -3.00 25.51
C TRP E 36 -17.18 -3.97 24.43
N PHE E 37 -17.19 -5.26 24.77
CA PHE E 37 -17.62 -6.34 23.87
C PHE E 37 -18.68 -7.15 24.60
N ARG E 38 -19.48 -7.89 23.85
CA ARG E 38 -20.45 -8.77 24.52
C ARG E 38 -20.65 -10.05 23.75
N GLN E 39 -21.10 -11.10 24.45
CA GLN E 39 -21.48 -12.33 23.75
C GLN E 39 -23.02 -12.29 23.69
N ALA E 40 -23.62 -11.63 22.67
CA ALA E 40 -25.07 -11.48 22.60
C ALA E 40 -25.58 -12.63 21.75
N PRO E 41 -25.40 -12.70 20.39
CA PRO E 41 -25.66 -13.99 19.72
C PRO E 41 -24.98 -15.16 20.49
N GLY E 42 -23.70 -14.99 20.87
CA GLY E 42 -22.89 -15.98 21.60
C GLY E 42 -22.59 -17.22 20.77
N PRO E 43 -21.35 -17.78 20.77
CA PRO E 43 -20.18 -17.43 21.59
C PRO E 43 -19.20 -16.35 21.10
N GLU E 44 -19.40 -15.79 19.90
CA GLU E 44 -18.48 -14.75 19.42
C GLU E 44 -18.62 -13.51 20.31
N ARG E 45 -17.52 -12.83 20.67
CA ARG E 45 -17.65 -11.58 21.45
C ARG E 45 -17.68 -10.49 20.39
N GLU E 46 -18.79 -9.72 20.32
CA GLU E 46 -18.95 -8.65 19.33
C GLU E 46 -18.67 -7.32 20.00
N PHE E 47 -18.09 -6.37 19.26
CA PHE E 47 -17.85 -5.08 19.90
C PHE E 47 -19.19 -4.36 20.10
N VAL E 48 -19.24 -3.55 21.14
CA VAL E 48 -20.38 -2.73 21.47
C VAL E 48 -20.04 -1.24 21.30
N ALA E 49 -18.91 -0.81 21.90
CA ALA E 49 -18.50 0.60 21.86
C ALA E 49 -17.03 0.67 22.19
N THR E 50 -16.36 1.66 21.61
CA THR E 50 -14.94 1.86 21.84
C THR E 50 -14.70 3.33 22.12
N ILE E 51 -13.57 3.62 22.79
CA ILE E 51 -13.21 4.99 23.12
C ILE E 51 -11.70 5.17 23.05
N SER E 52 -11.27 6.30 22.49
CA SER E 52 -9.85 6.56 22.40
C SER E 52 -9.25 6.94 23.78
N GLN E 53 -7.91 6.93 23.82
CA GLN E 53 -7.10 7.23 25.01
C GLN E 53 -7.59 8.43 25.79
N THR E 54 -7.81 9.57 25.11
CA THR E 54 -8.20 10.79 25.82
C THR E 54 -9.70 11.00 25.94
N GLY E 55 -10.49 10.11 25.34
CA GLY E 55 -11.94 10.25 25.28
C GLY E 55 -12.41 11.11 24.10
N SER E 56 -11.47 11.54 23.25
CA SER E 56 -11.80 12.43 22.13
C SER E 56 -12.65 11.71 21.07
N HIS E 57 -12.48 10.38 20.88
CA HIS E 57 -13.24 9.68 19.85
C HIS E 57 -13.97 8.50 20.47
N THR E 58 -15.20 8.25 20.01
CA THR E 58 -16.00 7.09 20.41
C THR E 58 -16.60 6.46 19.16
N TYR E 59 -16.91 5.18 19.23
CA TYR E 59 -17.46 4.47 18.09
C TYR E 59 -18.42 3.43 18.66
N TYR E 60 -19.61 3.32 18.07
CA TYR E 60 -20.65 2.43 18.59
C TYR E 60 -21.19 1.50 17.54
N ARG E 61 -21.60 0.29 17.93
CA ARG E 61 -22.36 -0.61 17.05
C ARG E 61 -23.72 0.10 16.83
N ASN E 62 -24.28 0.06 15.59
CA ASN E 62 -25.53 0.80 15.29
C ASN E 62 -26.72 0.49 16.22
N SER E 63 -26.87 -0.78 16.59
CA SER E 63 -27.97 -1.25 17.43
C SER E 63 -27.98 -0.66 18.86
N VAL E 64 -26.86 -0.08 19.31
CA VAL E 64 -26.79 0.51 20.65
C VAL E 64 -26.74 2.07 20.64
N LYS E 65 -26.63 2.73 19.47
CA LYS E 65 -26.56 4.21 19.37
C LYS E 65 -27.81 4.86 19.95
N GLY E 66 -27.62 5.92 20.71
CA GLY E 66 -28.73 6.61 21.34
C GLY E 66 -29.24 5.89 22.58
N ARG E 67 -28.71 4.68 22.87
CA ARG E 67 -29.08 3.93 24.08
C ARG E 67 -27.86 3.77 24.99
N PHE E 68 -26.69 3.49 24.39
CA PHE E 68 -25.51 3.28 25.21
C PHE E 68 -24.54 4.44 25.10
N THR E 69 -23.82 4.70 26.18
CA THR E 69 -22.76 5.71 26.17
C THR E 69 -21.49 5.13 26.80
N ILE E 70 -20.36 5.14 26.05
CA ILE E 70 -19.07 4.73 26.60
C ILE E 70 -18.36 6.01 27.05
N SER E 71 -17.72 5.97 28.22
CA SER E 71 -17.00 7.14 28.72
C SER E 71 -15.86 6.69 29.56
N ARG E 72 -14.92 7.60 29.83
CA ARG E 72 -13.80 7.23 30.69
C ARG E 72 -13.43 8.36 31.61
N ASP E 73 -12.82 7.99 32.74
CA ASP E 73 -12.31 8.95 33.70
C ASP E 73 -10.87 8.54 33.93
N ASN E 74 -9.94 9.19 33.21
CA ASN E 74 -8.53 8.81 33.29
C ASN E 74 -7.93 9.07 34.66
N ALA E 75 -8.52 10.01 35.42
CA ALA E 75 -8.06 10.31 36.78
C ALA E 75 -8.36 9.13 37.72
N LYS E 76 -9.41 8.32 37.41
CA LYS E 76 -9.79 7.14 38.20
C LYS E 76 -9.43 5.78 37.53
N ASN E 77 -8.70 5.83 36.40
CA ASN E 77 -8.32 4.63 35.64
C ASN E 77 -9.54 3.73 35.34
N THR E 78 -10.68 4.34 35.00
CA THR E 78 -11.90 3.56 34.80
C THR E 78 -12.61 3.94 33.50
N VAL E 79 -13.20 2.95 32.86
CA VAL E 79 -14.02 3.15 31.66
C VAL E 79 -15.42 2.66 32.07
N TYR E 80 -16.44 3.29 31.52
CA TYR E 80 -17.84 3.00 31.84
C TYR E 80 -18.67 2.70 30.61
N LEU E 81 -19.71 1.90 30.79
CA LEU E 81 -20.68 1.69 29.74
C LEU E 81 -22.03 1.97 30.39
N GLN E 82 -22.66 3.09 30.01
CA GLN E 82 -23.99 3.45 30.53
C GLN E 82 -24.99 2.90 29.52
N MET E 83 -25.87 2.02 29.97
CA MET E 83 -26.85 1.37 29.11
C MET E 83 -28.24 1.85 29.51
N ASN E 84 -28.94 2.53 28.61
CA ASN E 84 -30.30 3.04 28.86
C ASN E 84 -31.28 2.37 27.89
N ASN E 85 -32.58 2.39 28.24
CA ASN E 85 -33.65 1.77 27.43
C ASN E 85 -33.26 0.33 27.04
N MET E 86 -32.85 -0.43 28.05
CA MET E 86 -32.38 -1.78 27.84
C MET E 86 -33.40 -2.70 27.21
N LYS E 87 -32.91 -3.56 26.32
CA LYS E 87 -33.71 -4.49 25.52
C LYS E 87 -33.33 -5.96 25.79
N PRO E 88 -34.21 -6.95 25.50
CA PRO E 88 -33.81 -8.36 25.70
C PRO E 88 -32.56 -8.77 24.93
N GLU E 89 -32.34 -8.14 23.74
CA GLU E 89 -31.16 -8.40 22.91
C GLU E 89 -29.84 -7.99 23.61
N ASP E 90 -29.93 -7.15 24.66
CA ASP E 90 -28.78 -6.68 25.45
C ASP E 90 -28.36 -7.70 26.50
N THR E 91 -29.19 -8.73 26.76
CA THR E 91 -28.80 -9.77 27.72
C THR E 91 -27.57 -10.47 27.20
N ALA E 92 -26.47 -10.39 27.96
CA ALA E 92 -25.18 -10.93 27.56
C ALA E 92 -24.14 -10.81 28.64
N VAL E 93 -23.03 -11.51 28.42
CA VAL E 93 -21.85 -11.33 29.25
C VAL E 93 -21.10 -10.18 28.54
N TYR E 94 -20.76 -9.13 29.31
CA TYR E 94 -20.02 -7.98 28.76
C TYR E 94 -18.59 -8.01 29.22
N TYR E 95 -17.66 -7.67 28.31
CA TYR E 95 -16.22 -7.68 28.59
C TYR E 95 -15.61 -6.34 28.24
N CYS E 96 -14.74 -5.88 29.12
CA CYS E 96 -13.93 -4.71 28.97
C CYS E 96 -12.60 -5.14 28.30
N ALA E 97 -12.09 -4.37 27.33
CA ALA E 97 -10.81 -4.67 26.68
C ALA E 97 -9.99 -3.42 26.54
N ALA E 98 -8.66 -3.58 26.60
CA ALA E 98 -7.73 -2.48 26.37
C ALA E 98 -6.86 -2.79 25.15
N GLY E 99 -6.70 -1.81 24.28
CA GLY E 99 -5.89 -1.93 23.08
C GLY E 99 -5.28 -0.61 22.66
N ASP E 100 -4.60 -0.59 21.52
CA ASP E 100 -3.94 0.63 21.14
C ASP E 100 -4.77 1.63 20.36
N ASN E 101 -5.85 1.17 19.68
CA ASN E 101 -6.62 2.03 18.80
C ASN E 101 -8.12 1.78 18.87
N TYR E 102 -8.90 2.87 19.07
CA TYR E 102 -10.36 2.73 19.24
C TYR E 102 -11.02 2.29 17.93
N TYR E 103 -10.33 2.48 16.79
CA TYR E 103 -10.96 2.15 15.52
C TYR E 103 -11.00 0.65 15.24
N TYR E 104 -10.39 -0.14 16.11
CA TYR E 104 -10.43 -1.57 15.95
C TYR E 104 -11.71 -2.11 16.60
N THR E 105 -12.26 -3.14 15.96
CA THR E 105 -13.56 -3.71 16.34
C THR E 105 -13.55 -5.21 16.62
N ARG E 106 -12.42 -5.89 16.42
CA ARG E 106 -12.31 -7.35 16.58
C ARG E 106 -11.58 -7.72 17.85
N THR E 107 -11.92 -8.88 18.44
CA THR E 107 -11.29 -9.25 19.73
C THR E 107 -9.76 -9.30 19.68
N TYR E 108 -9.22 -9.87 18.60
CA TYR E 108 -7.75 -10.02 18.49
C TYR E 108 -7.00 -8.71 18.30
N GLU E 109 -7.75 -7.63 18.03
CA GLU E 109 -7.16 -6.29 17.85
C GLU E 109 -6.97 -5.59 19.19
N TYR E 110 -7.46 -6.21 20.30
CA TYR E 110 -7.31 -5.72 21.66
C TYR E 110 -6.34 -6.64 22.38
N ASP E 111 -5.68 -6.16 23.44
CA ASP E 111 -4.63 -6.91 24.09
C ASP E 111 -4.89 -7.41 25.48
N TYR E 112 -5.73 -6.71 26.24
CA TYR E 112 -6.01 -7.06 27.64
C TYR E 112 -7.49 -7.13 27.89
N TRP E 113 -7.92 -8.04 28.78
CA TRP E 113 -9.34 -8.28 28.97
C TRP E 113 -9.75 -8.36 30.40
N GLY E 114 -10.96 -7.91 30.67
CA GLY E 114 -11.59 -8.13 31.96
C GLY E 114 -12.19 -9.53 32.02
N GLN E 115 -12.79 -9.91 33.18
CA GLN E 115 -13.36 -11.24 33.43
C GLN E 115 -14.72 -11.52 32.79
N GLY E 116 -15.43 -10.46 32.45
CA GLY E 116 -16.77 -10.60 31.90
C GLY E 116 -17.79 -10.49 33.01
N THR E 117 -18.81 -9.68 32.77
CA THR E 117 -19.89 -9.46 33.74
C THR E 117 -21.23 -9.73 33.09
N GLN E 118 -22.05 -10.54 33.74
CA GLN E 118 -23.35 -10.87 33.23
C GLN E 118 -24.31 -9.73 33.41
N VAL E 119 -25.05 -9.41 32.33
CA VAL E 119 -26.15 -8.46 32.37
C VAL E 119 -27.38 -9.25 31.92
N THR E 120 -28.45 -9.21 32.71
CA THR E 120 -29.68 -9.93 32.39
C THR E 120 -30.83 -8.95 32.32
N VAL E 121 -31.47 -8.88 31.14
CA VAL E 121 -32.60 -8.00 30.90
C VAL E 121 -33.88 -8.85 31.03
N SER E 122 -34.67 -8.57 32.06
CA SER E 122 -35.93 -9.24 32.44
C SER E 122 -35.68 -10.70 32.86
N GLN F 1 25.09 -10.66 -15.13
CA GLN F 1 26.51 -10.95 -15.06
C GLN F 1 26.79 -12.44 -14.75
N VAL F 2 26.10 -13.36 -15.45
CA VAL F 2 26.26 -14.83 -15.30
C VAL F 2 25.87 -15.67 -16.52
N GLN F 3 26.73 -16.66 -16.85
CA GLN F 3 26.48 -17.68 -17.86
C GLN F 3 26.49 -18.98 -17.05
N LEU F 4 25.40 -19.73 -17.07
CA LEU F 4 25.26 -20.93 -16.23
C LEU F 4 25.40 -22.21 -17.01
N VAL F 5 26.31 -23.08 -16.54
CA VAL F 5 26.56 -24.39 -17.16
C VAL F 5 26.23 -25.46 -16.14
N GLU F 6 25.18 -26.17 -16.44
CA GLU F 6 24.61 -27.21 -15.65
C GLU F 6 25.21 -28.56 -16.01
N SER F 7 25.21 -29.47 -15.03
CA SER F 7 25.70 -30.84 -15.17
C SER F 7 25.23 -31.59 -13.94
N GLY F 8 25.11 -32.89 -13.97
CA GLY F 8 24.99 -33.78 -15.09
C GLY F 8 23.93 -34.66 -14.49
N GLY F 9 22.81 -34.74 -15.16
CA GLY F 9 21.73 -35.57 -14.67
C GLY F 9 22.03 -37.01 -15.00
N GLY F 10 21.00 -37.80 -15.08
CA GLY F 10 21.16 -39.19 -15.43
C GLY F 10 20.02 -40.03 -14.93
N LEU F 11 20.29 -41.34 -14.93
CA LEU F 11 19.35 -42.36 -14.52
C LEU F 11 19.67 -42.82 -13.13
N VAL F 12 18.61 -42.93 -12.34
CA VAL F 12 18.67 -43.35 -10.95
C VAL F 12 17.40 -44.16 -10.70
N GLN F 13 17.49 -45.25 -9.93
CA GLN F 13 16.27 -45.98 -9.62
C GLN F 13 15.72 -45.44 -8.30
N ALA F 14 14.40 -45.60 -8.08
CA ALA F 14 13.72 -45.10 -6.88
C ALA F 14 14.50 -45.40 -5.59
N GLY F 15 14.58 -44.39 -4.73
CA GLY F 15 15.27 -44.46 -3.45
C GLY F 15 16.75 -44.11 -3.56
N GLY F 16 17.22 -43.97 -4.79
CA GLY F 16 18.59 -43.61 -5.11
C GLY F 16 18.87 -42.11 -4.94
N SER F 17 20.11 -41.73 -5.21
CA SER F 17 20.58 -40.35 -5.05
C SER F 17 21.28 -39.84 -6.28
N LEU F 18 21.23 -38.53 -6.46
CA LEU F 18 21.88 -37.88 -7.58
C LEU F 18 22.20 -36.45 -7.18
N ARG F 19 23.36 -35.95 -7.61
CA ARG F 19 23.78 -34.59 -7.35
C ARG F 19 23.89 -33.85 -8.67
N LEU F 20 23.19 -32.72 -8.75
CA LEU F 20 23.30 -31.83 -9.88
C LEU F 20 24.18 -30.67 -9.47
N SER F 21 24.88 -30.08 -10.45
CA SER F 21 25.81 -28.97 -10.28
C SER F 21 25.47 -27.90 -11.31
N CYS F 22 25.75 -26.66 -10.97
CA CYS F 22 25.52 -25.55 -11.89
C CYS F 22 26.61 -24.56 -11.62
N ALA F 23 27.47 -24.33 -12.62
CA ALA F 23 28.61 -23.44 -12.43
C ALA F 23 28.51 -22.19 -13.28
N ALA F 24 29.05 -21.09 -12.77
CA ALA F 24 29.12 -19.83 -13.50
C ALA F 24 30.58 -19.50 -13.75
N SER F 25 30.86 -18.91 -14.92
CA SER F 25 32.22 -18.53 -15.30
C SER F 25 32.72 -17.38 -14.43
N GLU F 26 31.80 -16.47 -14.10
CA GLU F 26 32.03 -15.22 -13.38
C GLU F 26 31.92 -15.33 -11.87
N SER F 27 32.82 -14.62 -11.17
CA SER F 27 32.88 -14.49 -9.71
C SER F 27 31.73 -13.64 -9.17
N THR F 28 31.00 -12.95 -10.08
CA THR F 28 29.80 -12.19 -9.74
C THR F 28 28.64 -13.16 -9.38
N PHE F 29 28.90 -14.50 -9.46
CA PHE F 29 27.96 -15.56 -9.08
C PHE F 29 27.40 -15.29 -7.68
N SER F 30 28.27 -14.81 -6.75
CA SER F 30 27.89 -14.55 -5.36
C SER F 30 26.91 -13.39 -5.19
N ASN F 31 26.67 -12.62 -6.29
CA ASN F 31 25.73 -11.52 -6.27
C ASN F 31 24.29 -11.96 -6.55
N TYR F 32 24.10 -13.26 -6.86
CA TYR F 32 22.81 -13.79 -7.22
C TYR F 32 22.25 -14.87 -6.31
N ALA F 33 20.93 -14.83 -6.08
CA ALA F 33 20.24 -15.92 -5.43
C ALA F 33 20.15 -17.01 -6.54
N MET F 34 20.24 -18.28 -6.17
CA MET F 34 20.15 -19.36 -7.15
C MET F 34 18.90 -20.20 -6.92
N GLY F 35 18.32 -20.69 -7.99
CA GLY F 35 17.16 -21.54 -7.86
C GLY F 35 17.25 -22.76 -8.75
N TRP F 36 16.70 -23.87 -8.30
CA TRP F 36 16.60 -25.05 -9.15
C TRP F 36 15.15 -25.15 -9.53
N PHE F 37 14.88 -25.34 -10.82
CA PHE F 37 13.53 -25.49 -11.35
C PHE F 37 13.46 -26.81 -12.10
N ARG F 38 12.25 -27.33 -12.27
CA ARG F 38 12.15 -28.57 -13.04
C ARG F 38 10.93 -28.53 -13.92
N GLN F 39 11.02 -29.21 -15.06
CA GLN F 39 9.88 -29.25 -15.96
C GLN F 39 9.66 -30.65 -16.42
N ALA F 40 8.55 -31.28 -15.98
CA ALA F 40 8.18 -32.63 -16.42
C ALA F 40 7.79 -32.57 -17.90
N PRO F 43 5.36 -28.48 -20.57
CA PRO F 43 4.56 -27.26 -20.59
C PRO F 43 4.98 -26.18 -19.57
N GLU F 44 5.28 -26.51 -18.33
CA GLU F 44 5.57 -25.48 -17.33
C GLU F 44 6.47 -25.89 -16.14
N ARG F 45 7.46 -25.05 -15.94
CA ARG F 45 8.61 -25.19 -15.07
C ARG F 45 8.31 -24.72 -13.63
N GLU F 46 8.41 -25.63 -12.65
CA GLU F 46 8.11 -25.36 -11.23
C GLU F 46 9.38 -25.25 -10.38
N PHE F 47 9.40 -24.33 -9.39
CA PHE F 47 10.60 -24.24 -8.55
C PHE F 47 10.73 -25.51 -7.70
N VAL F 48 11.98 -25.83 -7.34
CA VAL F 48 12.28 -26.96 -6.49
C VAL F 48 12.90 -26.47 -5.19
N ALA F 49 13.89 -25.61 -5.31
CA ALA F 49 14.63 -25.11 -4.13
C ALA F 49 15.36 -23.85 -4.50
N THR F 50 15.52 -22.94 -3.54
CA THR F 50 16.21 -21.69 -3.80
C THR F 50 17.18 -21.43 -2.67
N ILE F 51 18.18 -20.59 -2.94
CA ILE F 51 19.20 -20.26 -1.95
C ILE F 51 19.64 -18.84 -2.13
N SER F 52 19.82 -18.13 -1.02
CA SER F 52 20.24 -16.74 -1.10
C SER F 52 21.73 -16.62 -1.45
N GLN F 53 22.14 -15.40 -1.85
CA GLN F 53 23.51 -15.04 -2.26
C GLN F 53 24.58 -15.66 -1.37
N THR F 54 24.47 -15.48 -0.06
CA THR F 54 25.49 -15.99 0.85
C THR F 54 25.25 -17.39 1.39
N GLY F 55 24.14 -18.00 1.01
CA GLY F 55 23.74 -19.31 1.50
C GLY F 55 23.00 -19.24 2.84
N SER F 56 22.73 -18.03 3.33
CA SER F 56 22.07 -17.82 4.63
C SER F 56 20.62 -18.30 4.66
N HIS F 57 19.93 -18.26 3.52
CA HIS F 57 18.52 -18.68 3.47
C HIS F 57 18.32 -19.67 2.37
N THR F 58 17.46 -20.68 2.62
CA THR F 58 17.05 -21.64 1.60
C THR F 58 15.57 -21.84 1.70
N TYR F 59 14.96 -22.30 0.60
CA TYR F 59 13.52 -22.48 0.56
C TYR F 59 13.24 -23.66 -0.33
N TYR F 60 12.36 -24.56 0.11
CA TYR F 60 12.07 -25.79 -0.63
C TYR F 60 10.59 -25.95 -0.94
N ARG F 61 10.08 -26.51 -1.97
CA ARG F 61 8.78 -27.13 -2.27
C ARG F 61 8.62 -28.27 -1.23
N ASN F 62 7.37 -28.34 -0.86
CA ASN F 62 6.99 -29.21 0.17
C ASN F 62 7.23 -30.62 -0.28
N SER F 63 7.01 -30.94 -1.56
CA SER F 63 7.23 -32.33 -2.00
C SER F 63 8.70 -32.83 -1.98
N VAL F 64 9.68 -31.91 -1.86
CA VAL F 64 11.10 -32.32 -1.85
C VAL F 64 11.75 -32.12 -0.45
N LYS F 65 11.05 -31.52 0.47
CA LYS F 65 11.60 -31.25 1.79
C LYS F 65 12.05 -32.47 2.53
N GLY F 66 13.25 -32.42 3.07
CA GLY F 66 13.88 -33.54 3.75
C GLY F 66 14.52 -34.58 2.83
N ARG F 67 14.34 -34.43 1.51
CA ARG F 67 14.94 -35.33 0.50
C ARG F 67 16.00 -34.61 -0.32
N PHE F 68 15.75 -33.32 -0.66
CA PHE F 68 16.64 -32.51 -1.47
C PHE F 68 17.34 -31.46 -0.63
N THR F 69 18.56 -31.12 -0.96
CA THR F 69 19.36 -30.07 -0.28
C THR F 69 19.98 -29.21 -1.36
N ILE F 70 19.73 -27.94 -1.27
CA ILE F 70 20.39 -26.99 -2.16
C ILE F 70 21.54 -26.38 -1.38
N SER F 71 22.70 -26.19 -2.03
CA SER F 71 23.86 -25.64 -1.36
C SER F 71 24.67 -24.87 -2.36
N ARG F 72 25.57 -24.03 -1.88
CA ARG F 72 26.45 -23.31 -2.81
C ARG F 72 27.84 -23.17 -2.29
N ASP F 73 28.80 -23.09 -3.21
CA ASP F 73 30.22 -22.88 -2.89
C ASP F 73 30.59 -21.66 -3.69
N ASN F 74 30.58 -20.50 -3.06
CA ASN F 74 30.84 -19.27 -3.77
C ASN F 74 32.30 -19.19 -4.25
N ALA F 75 33.22 -19.81 -3.51
CA ALA F 75 34.64 -19.86 -3.89
C ALA F 75 34.83 -20.61 -5.23
N LYS F 76 33.89 -21.49 -5.58
CA LYS F 76 33.91 -22.28 -6.81
C LYS F 76 32.84 -21.85 -7.82
N ASN F 77 32.11 -20.77 -7.50
CA ASN F 77 31.03 -20.23 -8.35
C ASN F 77 30.03 -21.33 -8.74
N THR F 78 29.72 -22.23 -7.77
CA THR F 78 28.86 -23.38 -8.06
C THR F 78 27.70 -23.51 -7.06
N VAL F 79 26.54 -23.87 -7.59
CA VAL F 79 25.36 -24.22 -6.80
C VAL F 79 25.08 -25.71 -7.01
N TYR F 80 24.64 -26.41 -5.95
CA TYR F 80 24.35 -27.84 -6.07
C TYR F 80 22.95 -28.19 -5.64
N LEU F 81 22.46 -29.29 -6.16
CA LEU F 81 21.19 -29.87 -5.72
C LEU F 81 21.46 -31.34 -5.43
N GLN F 82 21.47 -31.70 -4.14
CA GLN F 82 21.67 -33.09 -3.72
C GLN F 82 20.28 -33.68 -3.59
N MET F 83 19.99 -34.68 -4.39
CA MET F 83 18.67 -35.31 -4.37
C MET F 83 18.78 -36.71 -3.81
N ASN F 84 18.20 -36.95 -2.64
CA ASN F 84 18.21 -38.25 -1.97
C ASN F 84 16.82 -38.85 -1.99
N ASN F 85 16.71 -40.16 -1.71
CA ASN F 85 15.43 -40.89 -1.67
C ASN F 85 14.55 -40.48 -2.85
N MET F 86 15.14 -40.56 -4.06
CA MET F 86 14.47 -40.12 -5.26
C MET F 86 13.22 -40.91 -5.59
N LYS F 87 12.22 -40.22 -6.12
CA LYS F 87 10.92 -40.79 -6.47
C LYS F 87 10.60 -40.62 -7.96
N PRO F 88 9.77 -41.51 -8.58
CA PRO F 88 9.45 -41.33 -10.01
C PRO F 88 8.91 -39.93 -10.37
N GLU F 89 8.19 -39.28 -9.43
CA GLU F 89 7.66 -37.92 -9.68
C GLU F 89 8.74 -36.83 -9.79
N ASP F 90 10.03 -37.20 -9.52
CA ASP F 90 11.18 -36.31 -9.63
C ASP F 90 11.71 -36.28 -11.05
N THR F 91 11.21 -37.18 -11.94
CA THR F 91 11.63 -37.22 -13.34
C THR F 91 11.26 -35.90 -14.01
N ALA F 92 12.25 -35.25 -14.64
CA ALA F 92 12.10 -33.97 -15.36
C ALA F 92 13.43 -33.49 -15.85
N VAL F 93 13.40 -32.44 -16.66
CA VAL F 93 14.61 -31.75 -17.00
C VAL F 93 14.76 -30.61 -15.99
N TYR F 94 15.86 -30.63 -15.25
CA TYR F 94 16.15 -29.69 -14.18
C TYR F 94 16.94 -28.54 -14.71
N TYR F 95 16.62 -27.30 -14.25
CA TYR F 95 17.31 -26.09 -14.68
C TYR F 95 17.79 -25.31 -13.48
N CYS F 96 18.97 -24.71 -13.58
CA CYS F 96 19.44 -23.80 -12.54
C CYS F 96 19.20 -22.40 -13.05
N ALA F 97 18.89 -21.48 -12.14
CA ALA F 97 18.60 -20.11 -12.49
C ALA F 97 19.22 -19.16 -11.50
N ALA F 98 19.58 -17.96 -11.96
CA ALA F 98 20.15 -16.90 -11.13
C ALA F 98 19.20 -15.70 -11.15
N GLY F 99 18.99 -15.14 -9.97
CA GLY F 99 18.10 -13.99 -9.81
C GLY F 99 18.51 -13.18 -8.60
N ASP F 100 17.76 -12.12 -8.29
CA ASP F 100 18.14 -11.25 -7.20
C ASP F 100 17.66 -11.69 -5.79
N ASN F 101 16.59 -12.50 -5.68
CA ASN F 101 16.04 -12.85 -4.35
C ASN F 101 15.57 -14.30 -4.26
N TYR F 102 16.02 -15.01 -3.19
CA TYR F 102 15.66 -16.43 -3.01
C TYR F 102 14.18 -16.64 -2.77
N TYR F 103 13.47 -15.59 -2.27
CA TYR F 103 12.07 -15.73 -1.93
C TYR F 103 11.15 -15.77 -3.16
N TYR F 104 11.73 -15.60 -4.36
CA TYR F 104 10.96 -15.72 -5.59
C TYR F 104 10.88 -17.17 -6.04
N THR F 105 9.71 -17.54 -6.55
CA THR F 105 9.43 -18.95 -6.90
C THR F 105 9.00 -19.14 -8.36
N ARG F 106 8.86 -18.07 -9.13
CA ARG F 106 8.37 -18.18 -10.50
C ARG F 106 9.47 -17.95 -11.51
N THR F 107 9.39 -18.60 -12.69
CA THR F 107 10.43 -18.50 -13.72
C THR F 107 10.79 -17.07 -14.12
N TYR F 108 9.78 -16.22 -14.30
CA TYR F 108 10.03 -14.84 -14.72
C TYR F 108 10.68 -13.94 -13.65
N GLU F 109 10.79 -14.45 -12.39
CA GLU F 109 11.43 -13.74 -11.30
C GLU F 109 12.93 -14.00 -11.22
N TYR F 110 13.45 -14.82 -12.16
CA TYR F 110 14.85 -15.16 -12.29
C TYR F 110 15.31 -14.60 -13.64
N ASP F 111 16.60 -14.29 -13.77
CA ASP F 111 17.13 -13.59 -14.94
C ASP F 111 18.03 -14.39 -15.87
N TYR F 112 18.76 -15.37 -15.35
CA TYR F 112 19.72 -16.16 -16.13
C TYR F 112 19.42 -17.63 -15.92
N TRP F 113 19.57 -18.42 -16.99
CA TRP F 113 19.21 -19.83 -16.96
C TRP F 113 20.29 -20.71 -17.53
N GLY F 114 20.36 -21.93 -16.99
CA GLY F 114 21.24 -22.99 -17.49
C GLY F 114 20.55 -23.66 -18.66
N GLN F 115 21.27 -24.59 -19.32
CA GLN F 115 20.80 -25.29 -20.52
C GLN F 115 19.74 -26.35 -20.20
N GLY F 116 19.78 -26.87 -18.96
CA GLY F 116 18.88 -27.91 -18.51
C GLY F 116 19.55 -29.27 -18.57
N THR F 117 19.20 -30.17 -17.63
CA THR F 117 19.76 -31.52 -17.56
C THR F 117 18.66 -32.52 -17.25
N GLN F 118 18.60 -33.61 -18.02
CA GLN F 118 17.57 -34.62 -17.82
C GLN F 118 17.87 -35.49 -16.60
N VAL F 119 16.83 -35.73 -15.79
CA VAL F 119 16.89 -36.57 -14.60
C VAL F 119 15.74 -37.56 -14.69
N THR F 120 16.04 -38.88 -14.69
CA THR F 120 14.99 -39.89 -14.80
C THR F 120 15.07 -40.85 -13.62
N VAL F 121 13.93 -41.06 -12.96
CA VAL F 121 13.81 -41.97 -11.82
C VAL F 121 12.85 -43.08 -12.24
N SER F 122 13.26 -44.33 -12.00
CA SER F 122 12.46 -45.49 -12.39
C SER F 122 12.06 -46.34 -11.21
N SER F 123 11.14 -47.29 -11.48
CA SER F 123 10.68 -48.37 -10.61
C SER F 123 10.04 -47.96 -9.29
#